data_1XIW
#
_entry.id   1XIW
#
_cell.length_a   64.874
_cell.length_b   79.326
_cell.length_c   150.747
_cell.angle_alpha   90.00
_cell.angle_beta   90.00
_cell.angle_gamma   90.00
#
_symmetry.space_group_name_H-M   'P 21 21 21'
#
loop_
_entity.id
_entity.type
_entity.pdbx_description
1 polymer 'T-cell surface glycoprotein CD3 epsilon chain'
2 polymer 'T-cell surface glycoprotein CD3 delta chain'
3 polymer 'immunoglobulin light chain variable region'
4 polymer 'immunoglobulin heavy chain variable region'
5 water water
#
loop_
_entity_poly.entity_id
_entity_poly.type
_entity_poly.pdbx_seq_one_letter_code
_entity_poly.pdbx_strand_id
1 'polypeptide(L)'
;MDGNEEMGGITQTPYKVSISGTTVILTCPQYPGSEILWQHNDKNIGGDEDDKNIGSDEDHLSLKEFSELEQSGYYVCYPR
GSKPEDANFYLYLRARVCENCMEMD
;
A,E
2 'polypeptide(L)' MKIPIEELEDRVFVNCNTSITWVEGTVGTLLSDITRLDLGKRILDPRGIYRCNGTDIYKDKESTVQVHYRMCQSCVELD B,F
3 'polypeptide(L)'
;MDIQMTQTTSSLSASLGDRVTISCRASQDIRNYLNWYQQKPDGTVKLLIYYTSRLHSGVPSKFSGSGSGTDYSLTISNLE
QEDIATYFCQQGNTLPWTFAGGTKLEIK
;
C,G
4 'polypeptide(L)'
;EVQLQQSGPELVKPGASMKISCKASGYSFTGYTMNWVKQSHGKNLEWMGLINPYKGVSTYNQKFKDKATLTVDKSSSTAY
MELLSLTSEDSAVYYCARSGYYGDSDWYFDVWGQGTTLTVFS
;
D,H
#
# COMPACT_ATOMS: atom_id res chain seq x y z
N GLN A 12 11.33 6.29 23.13
CA GLN A 12 10.17 5.53 22.57
C GLN A 12 9.99 4.15 23.20
N THR A 13 8.74 3.84 23.50
CA THR A 13 8.37 2.57 24.11
C THR A 13 7.71 1.70 23.04
N PRO A 14 7.74 0.38 23.20
CA PRO A 14 7.10 -0.48 22.19
C PRO A 14 5.59 -0.56 22.40
N TYR A 15 4.89 -0.95 21.35
CA TYR A 15 3.44 -1.17 21.45
C TYR A 15 3.31 -2.36 22.36
N LYS A 16 2.27 -2.36 23.18
CA LYS A 16 2.05 -3.50 24.05
C LYS A 16 1.10 -4.36 23.24
N VAL A 17 1.41 -5.65 23.12
CA VAL A 17 0.55 -6.55 22.38
C VAL A 17 0.05 -7.63 23.29
N SER A 18 -1.26 -7.59 23.57
CA SER A 18 -1.87 -8.56 24.44
C SER A 18 -2.84 -9.46 23.67
N ILE A 19 -2.46 -10.71 23.49
CA ILE A 19 -3.31 -11.65 22.78
C ILE A 19 -3.74 -12.67 23.82
N SER A 20 -5.04 -12.68 24.12
CA SER A 20 -5.56 -13.59 25.13
C SER A 20 -6.90 -14.15 24.67
N GLY A 21 -6.96 -15.45 24.45
CA GLY A 21 -8.21 -16.04 24.00
C GLY A 21 -8.54 -15.56 22.61
N THR A 22 -9.72 -14.97 22.43
CA THR A 22 -10.14 -14.50 21.12
C THR A 22 -10.01 -12.99 20.95
N THR A 23 -9.44 -12.34 21.96
CA THR A 23 -9.30 -10.89 21.95
C THR A 23 -7.86 -10.41 21.87
N VAL A 24 -7.62 -9.46 20.97
CA VAL A 24 -6.29 -8.87 20.84
C VAL A 24 -6.43 -7.44 21.35
N ILE A 25 -5.54 -7.04 22.25
CA ILE A 25 -5.55 -5.68 22.78
C ILE A 25 -4.19 -5.01 22.54
N LEU A 26 -4.20 -3.90 21.80
CA LEU A 26 -2.97 -3.18 21.53
C LEU A 26 -2.93 -1.93 22.41
N THR A 27 -1.77 -1.59 22.93
CA THR A 27 -1.65 -0.38 23.74
C THR A 27 -0.56 0.51 23.15
N CYS A 28 -0.94 1.74 22.83
CA CYS A 28 -0.05 2.70 22.22
C CYS A 28 1.14 2.99 23.15
N PRO A 29 2.34 3.14 22.56
CA PRO A 29 3.51 3.40 23.38
C PRO A 29 3.50 4.67 24.25
N GLN A 30 3.49 5.83 23.61
CA GLN A 30 3.56 7.07 24.36
C GLN A 30 2.31 7.93 24.32
N TYR A 31 2.54 9.24 24.41
CA TYR A 31 1.48 10.24 24.37
C TYR A 31 0.53 10.16 25.58
N PRO A 32 1.06 9.82 26.77
CA PRO A 32 0.17 9.75 27.94
C PRO A 32 -0.51 11.11 28.15
N GLY A 33 -1.81 11.08 28.45
CA GLY A 33 -2.52 12.33 28.66
C GLY A 33 -3.15 12.89 27.39
N SER A 34 -2.84 12.28 26.24
CA SER A 34 -3.40 12.72 24.95
C SER A 34 -4.43 11.72 24.47
N GLU A 35 -5.42 12.20 23.73
CA GLU A 35 -6.42 11.33 23.14
C GLU A 35 -5.58 10.62 22.08
N ILE A 36 -5.88 9.36 21.82
CA ILE A 36 -5.11 8.57 20.85
C ILE A 36 -6.01 8.13 19.71
N LEU A 37 -5.49 8.15 18.49
CA LEU A 37 -6.25 7.74 17.33
C LEU A 37 -5.49 6.63 16.63
N TRP A 38 -6.20 5.83 15.85
CA TRP A 38 -5.60 4.68 15.17
C TRP A 38 -5.92 4.51 13.68
N GLN A 39 -5.02 3.80 12.99
CA GLN A 39 -5.22 3.40 11.61
C GLN A 39 -4.77 1.95 11.47
N HIS A 40 -5.48 1.19 10.65
CA HIS A 40 -5.17 -0.22 10.37
C HIS A 40 -5.05 -0.32 8.84
N ASN A 41 -3.86 -0.66 8.35
CA ASN A 41 -3.63 -0.76 6.91
C ASN A 41 -4.13 0.52 6.23
N ASP A 42 -3.71 1.64 6.78
CA ASP A 42 -4.05 2.97 6.27
C ASP A 42 -5.53 3.35 6.32
N LYS A 43 -6.31 2.61 7.08
CA LYS A 43 -7.73 2.91 7.21
C LYS A 43 -8.02 3.35 8.66
N ASN A 44 -8.73 4.47 8.83
CA ASN A 44 -9.08 4.95 10.17
C ASN A 44 -9.98 3.95 10.90
N ILE A 45 -9.69 3.64 12.16
CA ILE A 45 -10.53 2.74 12.93
C ILE A 45 -10.53 3.19 14.38
N GLY A 46 -11.49 2.69 15.15
CA GLY A 46 -11.55 3.04 16.56
C GLY A 46 -12.62 4.06 16.88
N GLY A 47 -13.29 4.56 15.84
CA GLY A 47 -14.35 5.53 15.99
C GLY A 47 -15.68 4.82 16.07
N ASP A 48 -16.73 5.54 15.71
CA ASP A 48 -18.09 5.00 15.77
C ASP A 48 -18.51 4.30 14.48
N GLU A 49 -17.67 3.38 14.01
CA GLU A 49 -17.99 2.64 12.79
C GLU A 49 -18.84 1.41 13.05
N ASP A 50 -19.32 0.79 11.98
CA ASP A 50 -20.19 -0.38 12.05
C ASP A 50 -19.74 -1.55 12.94
N ASP A 51 -18.45 -1.88 12.89
CA ASP A 51 -17.92 -3.01 13.66
C ASP A 51 -17.75 -2.74 15.15
N LYS A 52 -18.71 -3.21 15.94
CA LYS A 52 -18.67 -3.02 17.39
C LYS A 52 -17.73 -3.96 18.16
N ASN A 53 -16.90 -4.71 17.43
CA ASN A 53 -15.94 -5.58 18.06
C ASN A 53 -14.59 -4.86 18.09
N ILE A 54 -14.57 -3.62 17.58
CA ILE A 54 -13.35 -2.80 17.58
C ILE A 54 -13.59 -1.61 18.51
N GLY A 55 -12.82 -1.55 19.59
CA GLY A 55 -13.01 -0.46 20.53
C GLY A 55 -11.74 0.25 20.88
N SER A 56 -11.83 1.57 21.00
CA SER A 56 -10.69 2.40 21.35
C SER A 56 -11.04 3.08 22.67
N ASP A 57 -10.18 2.95 23.66
CA ASP A 57 -10.39 3.58 24.97
C ASP A 57 -9.04 3.97 25.54
N GLU A 58 -8.86 5.25 25.84
CA GLU A 58 -7.58 5.74 26.37
C GLU A 58 -6.48 5.37 25.38
N ASP A 59 -5.42 4.72 25.85
CA ASP A 59 -4.33 4.32 24.95
C ASP A 59 -4.48 2.91 24.40
N HIS A 60 -5.65 2.28 24.61
CA HIS A 60 -5.89 0.91 24.15
C HIS A 60 -6.83 0.75 22.95
N LEU A 61 -6.51 -0.25 22.11
CA LEU A 61 -7.35 -0.59 20.97
C LEU A 61 -7.74 -2.07 21.18
N SER A 62 -9.02 -2.35 21.37
CA SER A 62 -9.47 -3.72 21.61
C SER A 62 -10.12 -4.33 20.40
N LEU A 63 -9.60 -5.49 20.00
CA LEU A 63 -10.11 -6.21 18.84
C LEU A 63 -10.68 -7.53 19.31
N LYS A 64 -11.99 -7.53 19.56
CA LYS A 64 -12.67 -8.73 20.03
C LYS A 64 -12.97 -9.66 18.87
N GLU A 65 -12.97 -10.96 19.16
CA GLU A 65 -13.20 -12.00 18.15
C GLU A 65 -12.32 -11.68 16.95
N PHE A 66 -11.06 -11.44 17.26
CA PHE A 66 -10.03 -11.12 16.29
C PHE A 66 -9.95 -12.13 15.15
N SER A 67 -9.90 -11.62 13.91
CA SER A 67 -9.80 -12.44 12.71
C SER A 67 -8.42 -12.28 12.06
N GLU A 68 -7.63 -13.34 12.04
CA GLU A 68 -6.28 -13.29 11.45
C GLU A 68 -6.27 -12.74 10.03
N LEU A 69 -7.18 -13.27 9.21
CA LEU A 69 -7.27 -12.89 7.82
C LEU A 69 -7.63 -11.43 7.57
N GLU A 70 -8.53 -10.89 8.38
CA GLU A 70 -8.94 -9.52 8.18
C GLU A 70 -8.26 -8.51 9.08
N GLN A 71 -7.69 -8.96 10.20
CA GLN A 71 -7.10 -8.03 11.13
C GLN A 71 -5.61 -8.02 11.30
N SER A 72 -4.93 -8.90 10.58
CA SER A 72 -3.48 -8.90 10.60
C SER A 72 -3.10 -7.64 9.83
N GLY A 73 -1.86 -7.21 9.98
CA GLY A 73 -1.46 -6.06 9.21
C GLY A 73 -0.83 -4.96 10.01
N TYR A 74 -0.73 -3.78 9.41
CA TYR A 74 -0.12 -2.64 10.06
C TYR A 74 -1.09 -1.86 10.93
N TYR A 75 -0.65 -1.55 12.15
CA TYR A 75 -1.45 -0.71 13.05
C TYR A 75 -0.55 0.44 13.44
N VAL A 76 -1.14 1.61 13.65
CA VAL A 76 -0.36 2.78 14.07
C VAL A 76 -1.27 3.67 14.90
N CYS A 77 -0.71 4.27 15.93
CA CYS A 77 -1.46 5.17 16.79
C CYS A 77 -0.76 6.49 16.77
N TYR A 78 -1.51 7.55 17.03
CA TYR A 78 -0.94 8.90 17.06
C TYR A 78 -1.84 9.77 17.95
N PRO A 79 -1.26 10.80 18.57
CA PRO A 79 -2.04 11.69 19.44
C PRO A 79 -2.88 12.72 18.68
N ARG A 80 -3.98 13.12 19.28
CA ARG A 80 -4.84 14.14 18.65
C ARG A 80 -3.93 15.35 18.39
N GLY A 81 -4.07 15.98 17.23
CA GLY A 81 -3.22 17.11 16.92
C GLY A 81 -2.19 16.70 15.89
N SER A 82 -1.90 15.39 15.82
CA SER A 82 -0.95 14.84 14.83
C SER A 82 -1.69 14.26 13.63
N LYS A 83 -0.92 13.95 12.58
CA LYS A 83 -1.46 13.42 11.33
C LYS A 83 -0.99 11.98 11.10
N PRO A 84 -1.88 11.10 10.61
CA PRO A 84 -1.44 9.71 10.39
C PRO A 84 -0.23 9.69 9.45
N GLU A 85 -0.26 10.53 8.42
CA GLU A 85 0.84 10.59 7.45
C GLU A 85 2.21 10.83 8.08
N ASP A 86 2.23 11.48 9.25
CA ASP A 86 3.50 11.75 9.92
C ASP A 86 3.95 10.63 10.84
N ALA A 87 3.05 9.70 11.16
CA ALA A 87 3.39 8.59 12.03
C ALA A 87 4.56 7.83 11.40
N ASN A 88 5.55 7.50 12.22
CA ASN A 88 6.74 6.81 11.74
C ASN A 88 7.05 5.53 12.51
N PHE A 89 6.16 5.16 13.44
CA PHE A 89 6.36 3.95 14.23
C PHE A 89 5.13 3.03 14.13
N TYR A 90 5.25 1.99 13.32
CA TYR A 90 4.17 1.05 13.06
C TYR A 90 4.32 -0.31 13.73
N LEU A 91 3.18 -0.96 13.94
CA LEU A 91 3.16 -2.31 14.48
C LEU A 91 2.73 -3.20 13.31
N TYR A 92 3.44 -4.30 13.07
CA TYR A 92 3.05 -5.21 12.01
C TYR A 92 2.64 -6.48 12.75
N LEU A 93 1.35 -6.70 12.80
CA LEU A 93 0.77 -7.80 13.54
C LEU A 93 0.28 -8.97 12.68
N ARG A 94 0.78 -10.16 13.00
CA ARG A 94 0.38 -11.38 12.32
C ARG A 94 0.13 -12.34 13.46
N ALA A 95 -1.14 -12.50 13.81
CA ALA A 95 -1.49 -13.36 14.94
C ALA A 95 -2.67 -14.26 14.67
N ARG A 96 -2.64 -15.41 15.33
CA ARG A 96 -3.73 -16.39 15.26
C ARG A 96 -4.22 -16.53 16.68
N VAL A 97 -5.53 -16.67 16.86
CA VAL A 97 -6.06 -16.80 18.20
C VAL A 97 -6.62 -18.20 18.42
N CYS A 98 -5.79 -19.20 18.12
CA CYS A 98 -6.17 -20.60 18.28
C CYS A 98 -6.19 -20.99 19.75
N GLU A 99 -7.15 -21.85 20.08
CA GLU A 99 -7.32 -22.36 21.43
C GLU A 99 -6.02 -23.03 21.89
N ASN A 100 -5.58 -22.70 23.10
CA ASN A 100 -4.34 -23.28 23.63
C ASN A 100 -3.22 -23.08 22.62
N CYS A 101 -3.08 -21.83 22.19
CA CYS A 101 -2.06 -21.42 21.23
C CYS A 101 -0.66 -21.71 21.76
N MET A 102 -0.40 -21.28 23.00
CA MET A 102 0.89 -21.44 23.69
C MET A 102 2.12 -21.07 22.86
N MET B 1 7.28 6.62 6.19
CA MET B 1 6.25 5.61 5.82
C MET B 1 6.37 4.36 6.69
N LYS B 2 5.73 3.30 6.26
CA LYS B 2 5.80 2.05 7.00
C LYS B 2 6.75 1.12 6.28
N ILE B 3 7.58 0.43 7.05
CA ILE B 3 8.55 -0.49 6.51
C ILE B 3 7.88 -1.77 6.02
N PRO B 4 8.10 -2.13 4.76
CA PRO B 4 7.46 -3.35 4.28
C PRO B 4 8.00 -4.62 4.95
N ILE B 5 7.07 -5.49 5.31
CA ILE B 5 7.40 -6.78 5.92
C ILE B 5 6.99 -7.81 4.86
N GLU B 6 7.93 -8.68 4.49
CA GLU B 6 7.63 -9.69 3.49
C GLU B 6 7.45 -11.04 4.16
N GLU B 7 6.40 -11.75 3.76
CA GLU B 7 6.17 -13.07 4.31
C GLU B 7 6.18 -13.97 3.07
N LEU B 8 7.35 -14.51 2.77
CA LEU B 8 7.55 -15.35 1.59
C LEU B 8 7.90 -16.77 1.98
N GLU B 9 7.11 -17.70 1.44
CA GLU B 9 7.23 -19.11 1.73
C GLU B 9 6.88 -19.20 3.21
N ASP B 10 7.83 -19.56 4.04
CA ASP B 10 7.53 -19.66 5.47
C ASP B 10 8.41 -18.71 6.28
N ARG B 11 9.06 -17.77 5.59
CA ARG B 11 9.96 -16.83 6.24
C ARG B 11 9.47 -15.40 6.30
N VAL B 12 10.01 -14.66 7.28
CA VAL B 12 9.66 -13.25 7.47
C VAL B 12 10.88 -12.37 7.20
N PHE B 13 10.70 -11.33 6.38
CA PHE B 13 11.79 -10.43 6.05
C PHE B 13 11.40 -8.96 6.25
N VAL B 14 12.36 -8.15 6.66
CA VAL B 14 12.13 -6.71 6.79
C VAL B 14 12.86 -6.19 5.56
N ASN B 15 12.16 -5.43 4.72
CA ASN B 15 12.72 -4.91 3.47
C ASN B 15 12.92 -3.39 3.54
N CYS B 16 14.18 -2.96 3.58
CA CYS B 16 14.53 -1.53 3.62
C CYS B 16 15.21 -1.13 2.32
N ASN B 17 15.13 0.14 1.96
CA ASN B 17 15.78 0.62 0.74
C ASN B 17 17.27 0.64 1.05
N THR B 18 17.59 1.07 2.26
CA THR B 18 18.97 1.15 2.71
C THR B 18 19.16 0.22 3.90
N SER B 19 20.21 0.46 4.68
CA SER B 19 20.53 -0.38 5.85
C SER B 19 19.35 -0.62 6.78
N ILE B 20 19.40 -1.73 7.51
CA ILE B 20 18.34 -2.09 8.45
C ILE B 20 18.84 -2.09 9.89
N THR B 21 18.40 -1.11 10.65
CA THR B 21 18.79 -0.99 12.05
C THR B 21 18.00 -1.90 12.96
N TRP B 22 18.71 -2.70 13.74
CA TRP B 22 18.07 -3.60 14.70
C TRP B 22 17.90 -2.76 15.96
N VAL B 23 16.71 -2.78 16.55
CA VAL B 23 16.48 -2.01 17.78
C VAL B 23 16.34 -2.94 18.98
N GLU B 24 15.54 -3.99 18.85
CA GLU B 24 15.36 -4.97 19.92
C GLU B 24 14.58 -6.17 19.38
N GLY B 25 14.61 -7.28 20.11
CA GLY B 25 13.93 -8.49 19.68
C GLY B 25 14.76 -9.37 18.78
N THR B 26 14.09 -10.25 18.05
CA THR B 26 14.74 -11.18 17.14
C THR B 26 15.81 -10.49 16.32
N VAL B 27 17.03 -11.02 16.35
CA VAL B 27 18.12 -10.39 15.64
C VAL B 27 18.08 -10.63 14.14
N GLY B 28 17.78 -11.86 13.74
CA GLY B 28 17.70 -12.18 12.32
C GLY B 28 19.04 -12.24 11.61
N THR B 29 18.99 -12.41 10.30
CA THR B 29 20.19 -12.52 9.49
C THR B 29 20.15 -11.46 8.42
N LEU B 30 21.20 -10.64 8.35
CA LEU B 30 21.23 -9.61 7.33
C LEU B 30 21.57 -10.19 5.97
N LEU B 31 20.78 -9.84 4.96
CA LEU B 31 21.01 -10.27 3.59
C LEU B 31 21.34 -8.93 2.92
N SER B 32 22.59 -8.50 3.12
CA SER B 32 23.07 -7.22 2.62
C SER B 32 22.80 -6.86 1.17
N ASP B 33 23.01 -7.82 0.27
CA ASP B 33 22.84 -7.54 -1.14
C ASP B 33 21.43 -7.13 -1.58
N ILE B 34 20.42 -7.77 -1.01
CA ILE B 34 19.04 -7.44 -1.36
C ILE B 34 18.42 -6.54 -0.30
N THR B 35 19.28 -5.99 0.55
CA THR B 35 18.92 -5.11 1.65
C THR B 35 17.65 -5.53 2.38
N ARG B 36 17.72 -6.73 2.95
CA ARG B 36 16.61 -7.30 3.72
C ARG B 36 17.16 -7.99 4.95
N LEU B 37 16.38 -8.03 6.02
CA LEU B 37 16.79 -8.68 7.25
C LEU B 37 15.88 -9.89 7.37
N ASP B 38 16.46 -11.08 7.36
CA ASP B 38 15.70 -12.32 7.46
C ASP B 38 15.40 -12.65 8.91
N LEU B 39 14.16 -12.44 9.33
CA LEU B 39 13.78 -12.73 10.71
C LEU B 39 13.53 -14.21 10.94
N GLY B 40 13.66 -15.01 9.89
CA GLY B 40 13.46 -16.44 10.05
C GLY B 40 12.06 -16.99 9.82
N LYS B 41 11.87 -18.24 10.18
CA LYS B 41 10.59 -18.93 9.98
C LYS B 41 9.50 -18.30 10.81
N ARG B 42 8.35 -18.05 10.18
CA ARG B 42 7.24 -17.45 10.91
C ARG B 42 6.77 -18.32 12.07
N ILE B 43 6.86 -19.65 11.94
CA ILE B 43 6.39 -20.52 13.04
C ILE B 43 7.17 -20.33 14.33
N LEU B 44 8.30 -19.64 14.24
CA LEU B 44 9.14 -19.40 15.42
C LEU B 44 8.78 -18.04 16.07
N ASP B 45 7.64 -17.49 15.69
CA ASP B 45 7.13 -16.22 16.21
C ASP B 45 8.17 -15.12 16.32
N PRO B 46 8.62 -14.57 15.18
CA PRO B 46 9.60 -13.50 15.29
C PRO B 46 8.92 -12.25 15.85
N ARG B 47 9.62 -11.56 16.76
CA ARG B 47 9.12 -10.34 17.38
C ARG B 47 10.28 -9.41 17.67
N GLY B 48 10.17 -8.18 17.19
CA GLY B 48 11.23 -7.22 17.42
C GLY B 48 10.90 -5.84 16.91
N ILE B 49 11.89 -4.96 16.96
CA ILE B 49 11.71 -3.59 16.50
C ILE B 49 12.91 -3.28 15.61
N TYR B 50 12.61 -2.73 14.44
CA TYR B 50 13.62 -2.43 13.41
C TYR B 50 13.38 -1.05 12.81
N ARG B 51 14.45 -0.43 12.34
CA ARG B 51 14.36 0.91 11.77
C ARG B 51 15.10 1.03 10.43
N CYS B 52 14.45 1.64 9.43
CA CYS B 52 15.06 1.85 8.13
C CYS B 52 15.36 3.35 8.13
N ASN B 53 16.51 3.76 7.59
CA ASN B 53 16.87 5.16 7.57
C ASN B 53 16.77 5.74 6.17
N GLU B 62 12.85 8.85 8.22
CA GLU B 62 13.09 7.64 8.99
C GLU B 62 11.79 6.99 9.48
N SER B 63 11.78 5.66 9.51
CA SER B 63 10.61 4.90 9.95
C SER B 63 11.04 3.77 10.86
N THR B 64 10.10 3.26 11.66
CA THR B 64 10.38 2.17 12.58
C THR B 64 9.20 1.21 12.58
N VAL B 65 9.49 -0.09 12.62
CA VAL B 65 8.40 -1.06 12.63
C VAL B 65 8.61 -2.09 13.71
N GLN B 66 7.53 -2.43 14.40
CA GLN B 66 7.60 -3.45 15.44
C GLN B 66 6.87 -4.66 14.88
N VAL B 67 7.56 -5.76 14.75
CA VAL B 67 6.98 -6.96 14.19
C VAL B 67 6.50 -7.87 15.29
N HIS B 68 5.30 -8.42 15.15
CA HIS B 68 4.81 -9.32 16.17
C HIS B 68 4.06 -10.49 15.59
N TYR B 69 4.71 -11.66 15.54
CA TYR B 69 4.07 -12.87 15.06
C TYR B 69 3.69 -13.78 16.22
N ARG B 70 2.49 -14.36 16.15
CA ARG B 70 2.00 -15.31 17.14
C ARG B 70 1.24 -16.33 16.30
N MET B 71 1.96 -17.32 15.78
CA MET B 71 1.41 -18.34 14.89
C MET B 71 0.85 -19.59 15.54
N CYS B 72 1.05 -19.75 16.84
CA CYS B 72 0.56 -20.92 17.55
C CYS B 72 1.13 -22.23 16.98
N GLN B 73 2.45 -22.32 16.97
CA GLN B 73 3.14 -23.52 16.46
C GLN B 73 2.64 -23.91 15.08
N SER B 74 3.22 -23.30 14.04
CA SER B 74 2.85 -23.58 12.66
C SER B 74 1.43 -23.10 12.33
N MET C 1 4.90 28.59 22.39
CA MET C 1 5.49 28.94 21.07
C MET C 1 4.55 28.58 19.91
N ASP C 2 3.30 29.02 20.04
CA ASP C 2 2.29 28.78 19.02
C ASP C 2 2.69 29.44 17.70
N ILE C 3 2.13 28.94 16.61
CA ILE C 3 2.43 29.47 15.29
C ILE C 3 1.62 30.73 15.04
N GLN C 4 2.29 31.81 14.67
CA GLN C 4 1.60 33.05 14.38
C GLN C 4 1.33 33.15 12.89
N MET C 5 0.08 33.44 12.54
CA MET C 5 -0.32 33.57 11.14
C MET C 5 -0.59 35.05 10.85
N THR C 6 -0.13 35.56 9.72
CA THR C 6 -0.36 36.97 9.42
C THR C 6 -0.80 37.25 8.00
N GLN C 7 -1.70 38.22 7.84
CA GLN C 7 -2.18 38.66 6.53
C GLN C 7 -1.89 40.16 6.52
N THR C 8 -0.75 40.54 5.97
CA THR C 8 -0.32 41.93 5.95
C THR C 8 -1.27 42.96 5.34
N THR C 9 -2.12 42.54 4.43
CA THR C 9 -3.10 43.45 3.83
C THR C 9 -4.42 43.27 4.58
N SER C 10 -4.76 44.23 5.43
CA SER C 10 -5.99 44.12 6.21
C SER C 10 -7.23 44.43 5.37
N SER C 11 -7.10 45.32 4.40
CA SER C 11 -8.23 45.67 3.55
C SER C 11 -7.82 45.81 2.09
N LEU C 12 -8.70 45.40 1.18
CA LEU C 12 -8.43 45.48 -0.23
C LEU C 12 -9.69 45.85 -1.01
N SER C 13 -9.55 46.83 -1.90
CA SER C 13 -10.67 47.25 -2.74
C SER C 13 -10.31 46.80 -4.15
N ALA C 14 -11.31 46.35 -4.88
CA ALA C 14 -11.10 45.87 -6.24
C ALA C 14 -12.32 46.15 -7.09
N SER C 15 -12.24 45.79 -8.36
CA SER C 15 -13.35 46.02 -9.27
C SER C 15 -13.97 44.72 -9.73
N LEU C 16 -15.24 44.79 -10.08
CA LEU C 16 -15.95 43.61 -10.57
C LEU C 16 -15.21 43.07 -11.78
N GLY C 17 -15.05 41.75 -11.84
CA GLY C 17 -14.37 41.13 -12.95
C GLY C 17 -12.87 40.94 -12.76
N ASP C 18 -12.28 41.66 -11.80
CA ASP C 18 -10.86 41.55 -11.55
C ASP C 18 -10.45 40.25 -10.84
N ARG C 19 -9.14 40.08 -10.73
CA ARG C 19 -8.54 38.94 -10.05
C ARG C 19 -7.61 39.53 -9.01
N VAL C 20 -7.74 39.08 -7.77
CA VAL C 20 -6.90 39.57 -6.70
C VAL C 20 -6.20 38.42 -6.00
N THR C 21 -5.20 38.75 -5.20
CA THR C 21 -4.46 37.74 -4.47
C THR C 21 -4.22 38.25 -3.08
N ILE C 22 -4.55 37.41 -2.11
CA ILE C 22 -4.41 37.70 -0.70
C ILE C 22 -3.28 36.87 -0.13
N SER C 23 -2.31 37.53 0.51
CA SER C 23 -1.16 36.81 1.05
C SER C 23 -1.34 36.42 2.50
N CYS C 24 -0.68 35.34 2.89
CA CYS C 24 -0.76 34.81 4.25
C CYS C 24 0.63 34.30 4.60
N ARG C 25 1.10 34.59 5.80
CA ARG C 25 2.43 34.14 6.20
C ARG C 25 2.39 33.43 7.55
N ALA C 26 3.16 32.36 7.69
CA ALA C 26 3.22 31.65 8.96
C ALA C 26 4.58 31.94 9.60
N SER C 27 4.66 31.89 10.93
CA SER C 27 5.91 32.15 11.63
C SER C 27 6.84 30.93 11.59
N GLN C 28 6.31 29.76 11.22
CA GLN C 28 7.07 28.51 11.10
C GLN C 28 6.55 27.78 9.85
N ASP C 29 7.33 26.83 9.35
CA ASP C 29 6.92 26.05 8.18
C ASP C 29 5.68 25.28 8.64
N ILE C 30 4.57 25.40 7.91
CA ILE C 30 3.37 24.68 8.33
C ILE C 30 3.04 23.54 7.37
N ARG C 31 4.01 23.20 6.52
CA ARG C 31 3.91 22.06 5.61
C ARG C 31 2.60 21.90 4.81
N ASN C 32 2.11 23.00 4.26
CA ASN C 32 0.91 23.01 3.44
C ASN C 32 -0.44 22.78 4.12
N TYR C 33 -0.43 22.63 5.44
CA TYR C 33 -1.67 22.49 6.19
C TYR C 33 -2.17 23.92 6.45
N LEU C 34 -2.64 24.53 5.37
CA LEU C 34 -3.10 25.90 5.38
C LEU C 34 -4.47 25.92 4.70
N ASN C 35 -5.44 26.49 5.40
CA ASN C 35 -6.82 26.57 4.93
C ASN C 35 -7.32 28.02 4.84
N TRP C 36 -8.26 28.24 3.93
CA TRP C 36 -8.86 29.55 3.70
C TRP C 36 -10.37 29.52 3.94
N TYR C 37 -10.87 30.55 4.63
CA TYR C 37 -12.30 30.68 4.93
C TYR C 37 -12.80 32.04 4.47
N GLN C 38 -14.09 32.09 4.16
CA GLN C 38 -14.72 33.32 3.72
C GLN C 38 -15.79 33.69 4.74
N GLN C 39 -15.74 34.91 5.26
CA GLN C 39 -16.77 35.32 6.22
C GLN C 39 -17.58 36.45 5.63
N LYS C 40 -18.88 36.24 5.52
CA LYS C 40 -19.80 37.24 4.95
C LYS C 40 -20.16 38.31 5.96
N PRO C 41 -20.73 39.43 5.49
CA PRO C 41 -21.14 40.52 6.38
C PRO C 41 -22.07 40.12 7.53
N ASP C 42 -22.87 39.07 7.33
CA ASP C 42 -23.77 38.64 8.38
C ASP C 42 -23.08 37.77 9.44
N GLY C 43 -21.81 37.46 9.19
CA GLY C 43 -21.05 36.65 10.14
C GLY C 43 -20.93 35.19 9.78
N THR C 44 -21.61 34.75 8.73
CA THR C 44 -21.55 33.35 8.32
C THR C 44 -20.17 33.08 7.71
N VAL C 45 -19.61 31.94 8.09
CA VAL C 45 -18.27 31.52 7.68
C VAL C 45 -18.39 30.25 6.87
N LYS C 46 -17.62 30.17 5.79
CA LYS C 46 -17.60 28.97 4.94
C LYS C 46 -16.15 28.61 4.61
N LEU C 47 -15.88 27.31 4.53
CA LEU C 47 -14.56 26.84 4.13
C LEU C 47 -14.46 26.99 2.61
N LEU C 48 -13.31 27.47 2.12
CA LEU C 48 -13.08 27.63 0.69
C LEU C 48 -12.07 26.60 0.17
N ILE C 49 -10.88 26.60 0.77
CA ILE C 49 -9.76 25.75 0.39
C ILE C 49 -9.08 25.14 1.60
N TYR C 50 -8.64 23.89 1.49
CA TYR C 50 -7.92 23.28 2.60
C TYR C 50 -6.66 22.62 2.04
N TYR C 51 -5.66 22.45 2.90
CA TYR C 51 -4.38 21.89 2.48
C TYR C 51 -3.80 22.67 1.28
N THR C 52 -3.75 23.98 1.46
CA THR C 52 -3.20 24.93 0.47
C THR C 52 -3.94 25.14 -0.83
N SER C 53 -4.36 24.06 -1.49
CA SER C 53 -5.02 24.19 -2.78
C SER C 53 -6.24 23.34 -3.08
N ARG C 54 -6.65 22.47 -2.17
CA ARG C 54 -7.83 21.66 -2.44
C ARG C 54 -9.13 22.45 -2.28
N LEU C 55 -9.94 22.49 -3.33
CA LEU C 55 -11.22 23.20 -3.25
C LEU C 55 -12.25 22.38 -2.47
N HIS C 56 -12.96 23.03 -1.57
CA HIS C 56 -13.99 22.37 -0.76
C HIS C 56 -15.23 22.18 -1.64
N SER C 57 -15.99 21.12 -1.38
CA SER C 57 -17.19 20.87 -2.18
C SER C 57 -18.06 22.12 -2.26
N GLY C 58 -18.53 22.43 -3.46
CA GLY C 58 -19.40 23.57 -3.62
C GLY C 58 -18.72 24.91 -3.87
N VAL C 59 -17.40 24.95 -3.76
CA VAL C 59 -16.65 26.17 -3.97
C VAL C 59 -16.34 26.31 -5.45
N PRO C 60 -16.66 27.47 -6.05
CA PRO C 60 -16.40 27.68 -7.47
C PRO C 60 -14.91 27.75 -7.83
N SER C 61 -14.61 27.38 -9.07
CA SER C 61 -13.26 27.34 -9.60
C SER C 61 -12.53 28.69 -9.57
N LYS C 62 -13.26 29.78 -9.37
CA LYS C 62 -12.64 31.10 -9.34
C LYS C 62 -11.65 31.20 -8.18
N PHE C 63 -11.83 30.36 -7.15
CA PHE C 63 -10.92 30.37 -5.99
C PHE C 63 -9.80 29.37 -6.18
N SER C 64 -8.56 29.81 -5.98
CA SER C 64 -7.42 28.90 -6.08
C SER C 64 -6.42 29.26 -5.00
N GLY C 65 -5.66 28.27 -4.54
CA GLY C 65 -4.68 28.56 -3.49
C GLY C 65 -3.33 28.02 -3.85
N SER C 66 -2.29 28.64 -3.32
CA SER C 66 -0.93 28.19 -3.55
C SER C 66 -0.06 28.51 -2.33
N GLY C 67 1.17 28.05 -2.34
CA GLY C 67 2.06 28.32 -1.23
C GLY C 67 2.85 27.12 -0.76
N SER C 68 3.86 27.40 0.06
CA SER C 68 4.74 26.38 0.59
C SER C 68 5.55 26.99 1.74
N GLY C 69 6.01 26.14 2.65
CA GLY C 69 6.78 26.63 3.78
C GLY C 69 5.98 27.60 4.63
N THR C 70 6.40 28.86 4.64
CA THR C 70 5.71 29.88 5.43
C THR C 70 4.88 30.86 4.60
N ASP C 71 4.97 30.78 3.27
CA ASP C 71 4.24 31.72 2.41
C ASP C 71 3.11 31.11 1.59
N TYR C 72 1.91 31.66 1.74
CA TYR C 72 0.72 31.17 1.05
C TYR C 72 -0.10 32.31 0.46
N SER C 73 -0.96 31.99 -0.50
CA SER C 73 -1.79 33.00 -1.09
C SER C 73 -3.07 32.42 -1.65
N LEU C 74 -4.12 33.23 -1.61
CA LEU C 74 -5.43 32.89 -2.12
C LEU C 74 -5.65 33.80 -3.32
N THR C 75 -6.00 33.22 -4.45
CA THR C 75 -6.26 34.02 -5.63
C THR C 75 -7.73 33.89 -5.98
N ILE C 76 -8.40 35.03 -6.14
CA ILE C 76 -9.82 35.00 -6.46
C ILE C 76 -9.98 35.67 -7.82
N SER C 77 -10.45 34.91 -8.81
CA SER C 77 -10.63 35.44 -10.16
C SER C 77 -12.05 35.90 -10.47
N ASN C 78 -12.20 36.63 -11.56
CA ASN C 78 -13.50 37.14 -12.00
C ASN C 78 -14.40 37.55 -10.84
N LEU C 79 -13.96 38.56 -10.08
CA LEU C 79 -14.72 39.03 -8.93
C LEU C 79 -16.15 39.43 -9.22
N GLU C 80 -17.04 39.00 -8.32
CA GLU C 80 -18.47 39.30 -8.39
C GLU C 80 -18.93 39.88 -7.05
N GLN C 81 -20.13 40.47 -7.06
CA GLN C 81 -20.70 41.08 -5.85
C GLN C 81 -20.74 40.11 -4.69
N GLU C 82 -21.05 38.86 -4.99
CA GLU C 82 -21.14 37.81 -3.99
C GLU C 82 -19.80 37.53 -3.27
N ASP C 83 -18.70 38.04 -3.82
CA ASP C 83 -17.39 37.81 -3.22
C ASP C 83 -16.97 38.82 -2.18
N ILE C 84 -17.78 39.84 -1.96
CA ILE C 84 -17.49 40.85 -0.94
C ILE C 84 -17.55 40.15 0.41
N ALA C 85 -16.41 40.06 1.08
CA ALA C 85 -16.31 39.36 2.36
C ALA C 85 -14.93 39.53 2.98
N THR C 86 -14.72 38.92 4.14
CA THR C 86 -13.41 38.94 4.76
C THR C 86 -12.82 37.54 4.60
N TYR C 87 -11.58 37.45 4.13
CA TYR C 87 -10.92 36.15 3.92
C TYR C 87 -9.85 35.92 4.98
N PHE C 88 -9.87 34.71 5.54
CA PHE C 88 -8.97 34.32 6.63
C PHE C 88 -8.19 33.05 6.31
N CYS C 89 -6.91 33.01 6.69
CA CYS C 89 -6.16 31.77 6.51
C CYS C 89 -5.99 31.18 7.90
N GLN C 90 -5.74 29.87 7.97
CA GLN C 90 -5.59 29.17 9.25
C GLN C 90 -4.61 28.00 9.09
N GLN C 91 -3.70 27.83 10.03
CA GLN C 91 -2.75 26.71 9.90
C GLN C 91 -3.29 25.52 10.68
N GLY C 92 -3.11 24.34 10.10
CA GLY C 92 -3.53 23.11 10.72
C GLY C 92 -2.36 22.16 10.88
N ASN C 93 -1.18 22.73 11.06
CA ASN C 93 0.02 21.92 11.21
C ASN C 93 0.29 21.53 12.67
N THR C 94 0.20 22.49 13.58
CA THR C 94 0.51 22.24 14.98
C THR C 94 -0.53 22.84 15.92
N LEU C 95 -0.91 22.11 16.95
CA LEU C 95 -1.84 22.63 17.94
C LEU C 95 -1.10 23.69 18.76
N PRO C 96 -1.79 24.77 19.17
CA PRO C 96 -3.20 25.02 18.88
C PRO C 96 -3.36 25.54 17.46
N TRP C 97 -4.46 25.19 16.81
CA TRP C 97 -4.71 25.69 15.46
C TRP C 97 -4.78 27.21 15.61
N THR C 98 -4.26 27.93 14.61
CA THR C 98 -4.29 29.40 14.66
C THR C 98 -4.71 30.04 13.35
N PHE C 99 -5.31 31.23 13.47
CA PHE C 99 -5.81 32.01 12.34
C PHE C 99 -5.09 33.35 12.20
N ALA C 100 -5.09 33.92 11.00
CA ALA C 100 -4.48 35.24 10.80
C ALA C 100 -5.63 36.25 11.01
N GLY C 101 -5.33 37.54 10.91
CA GLY C 101 -6.34 38.59 11.11
C GLY C 101 -7.35 38.90 9.99
N GLY C 102 -7.21 38.24 8.85
CA GLY C 102 -8.16 38.46 7.77
C GLY C 102 -7.89 39.62 6.84
N THR C 103 -8.45 39.52 5.64
CA THR C 103 -8.33 40.57 4.65
C THR C 103 -9.74 40.86 4.17
N LYS C 104 -10.22 42.08 4.40
CA LYS C 104 -11.58 42.45 4.00
C LYS C 104 -11.57 42.89 2.56
N LEU C 105 -12.38 42.25 1.72
CA LEU C 105 -12.42 42.60 0.31
C LEU C 105 -13.67 43.39 -0.04
N GLU C 106 -13.47 44.59 -0.58
CA GLU C 106 -14.59 45.42 -1.01
C GLU C 106 -14.57 45.49 -2.51
N ILE C 107 -15.74 45.38 -3.13
CA ILE C 107 -15.84 45.39 -4.58
C ILE C 107 -16.90 46.38 -5.07
N GLU D 1 -30.14 19.44 4.88
CA GLU D 1 -28.71 19.80 4.64
C GLU D 1 -27.90 19.79 5.94
N VAL D 2 -26.58 19.85 5.80
CA VAL D 2 -25.66 19.82 6.92
C VAL D 2 -25.60 21.19 7.58
N GLN D 3 -25.92 21.24 8.87
CA GLN D 3 -25.95 22.51 9.61
C GLN D 3 -25.64 22.38 11.08
N LEU D 4 -25.12 23.47 11.64
CA LEU D 4 -24.82 23.60 13.05
C LEU D 4 -25.67 24.81 13.45
N GLN D 5 -26.59 24.60 14.38
CA GLN D 5 -27.48 25.68 14.83
C GLN D 5 -27.15 26.04 16.26
N GLN D 6 -26.65 27.26 16.47
CA GLN D 6 -26.27 27.69 17.81
C GLN D 6 -27.35 28.44 18.54
N SER D 7 -27.25 28.42 19.87
CA SER D 7 -28.20 29.09 20.74
C SER D 7 -28.09 30.60 20.56
N GLY D 8 -29.08 31.33 21.05
CA GLY D 8 -29.13 32.78 20.90
C GLY D 8 -28.16 33.64 21.70
N PRO D 9 -28.19 34.95 21.45
CA PRO D 9 -27.30 35.88 22.15
C PRO D 9 -27.50 35.88 23.66
N GLU D 10 -26.44 36.16 24.38
CA GLU D 10 -26.51 36.17 25.83
C GLU D 10 -25.84 37.43 26.40
N LEU D 11 -26.45 37.99 27.45
CA LEU D 11 -25.91 39.17 28.12
C LEU D 11 -25.72 38.68 29.55
N VAL D 12 -24.54 38.89 30.11
CA VAL D 12 -24.24 38.44 31.47
C VAL D 12 -23.31 39.41 32.17
N LYS D 13 -23.30 39.39 33.50
CA LYS D 13 -22.43 40.28 34.26
C LYS D 13 -21.10 39.60 34.50
N PRO D 14 -20.06 40.38 34.81
CA PRO D 14 -18.74 39.80 35.07
C PRO D 14 -18.81 38.84 36.26
N GLY D 15 -18.05 37.75 36.19
CA GLY D 15 -18.04 36.76 37.27
C GLY D 15 -19.06 35.65 37.07
N ALA D 16 -20.02 35.85 36.17
CA ALA D 16 -21.01 34.82 35.92
C ALA D 16 -20.43 33.77 34.98
N SER D 17 -21.22 32.76 34.71
CA SER D 17 -20.84 31.70 33.80
C SER D 17 -21.98 31.61 32.80
N MET D 18 -21.72 31.00 31.66
CA MET D 18 -22.75 30.87 30.66
C MET D 18 -22.41 29.69 29.79
N LYS D 19 -23.42 28.87 29.53
CA LYS D 19 -23.23 27.70 28.69
C LYS D 19 -23.98 27.94 27.40
N ILE D 20 -23.30 27.81 26.27
CA ILE D 20 -23.96 28.00 24.98
C ILE D 20 -24.01 26.65 24.26
N SER D 21 -24.94 26.51 23.32
CA SER D 21 -25.09 25.24 22.66
C SER D 21 -25.02 25.28 21.16
N CYS D 22 -24.87 24.10 20.58
CA CYS D 22 -24.71 23.96 19.15
C CYS D 22 -25.34 22.62 18.75
N LYS D 23 -26.41 22.71 17.99
CA LYS D 23 -27.16 21.55 17.53
C LYS D 23 -26.81 21.14 16.12
N ALA D 24 -26.38 19.90 15.95
CA ALA D 24 -26.01 19.38 14.65
C ALA D 24 -27.14 18.65 13.97
N SER D 25 -27.30 18.88 12.67
CA SER D 25 -28.33 18.17 11.91
C SER D 25 -27.79 17.87 10.51
N GLY D 26 -28.38 16.86 9.87
CA GLY D 26 -27.96 16.49 8.53
C GLY D 26 -26.73 15.60 8.41
N TYR D 27 -26.16 15.16 9.53
CA TYR D 27 -24.99 14.30 9.49
C TYR D 27 -24.85 13.58 10.81
N SER D 28 -24.03 12.53 10.85
CA SER D 28 -23.85 11.78 12.09
C SER D 28 -22.95 12.52 13.07
N PHE D 29 -23.55 12.99 14.16
CA PHE D 29 -22.87 13.76 15.20
C PHE D 29 -21.59 13.11 15.70
N THR D 30 -21.65 11.81 15.98
CA THR D 30 -20.48 11.11 16.49
C THR D 30 -19.42 10.72 15.45
N GLY D 31 -19.63 11.07 14.19
CA GLY D 31 -18.66 10.72 13.16
C GLY D 31 -17.71 11.87 12.81
N TYR D 32 -17.77 12.94 13.59
CA TYR D 32 -16.95 14.13 13.36
C TYR D 32 -16.54 14.81 14.66
N THR D 33 -15.49 15.61 14.58
CA THR D 33 -14.98 16.36 15.71
C THR D 33 -15.73 17.68 15.77
N MET D 34 -15.96 18.19 16.98
CA MET D 34 -16.62 19.48 17.14
C MET D 34 -15.58 20.44 17.70
N ASN D 35 -15.52 21.67 17.16
CA ASN D 35 -14.52 22.65 17.61
C ASN D 35 -15.25 23.93 17.99
N TRP D 36 -14.61 24.77 18.79
CA TRP D 36 -15.17 26.06 19.17
C TRP D 36 -14.14 27.12 18.85
N VAL D 37 -14.60 28.20 18.24
CA VAL D 37 -13.74 29.30 17.82
C VAL D 37 -14.28 30.62 18.35
N LYS D 38 -13.38 31.48 18.84
CA LYS D 38 -13.81 32.78 19.37
C LYS D 38 -13.44 33.89 18.40
N GLN D 39 -14.35 34.83 18.17
CA GLN D 39 -14.04 35.97 17.31
C GLN D 39 -14.33 37.25 18.09
N SER D 40 -13.27 38.00 18.40
CA SER D 40 -13.45 39.25 19.13
C SER D 40 -13.09 40.44 18.26
N HIS D 41 -13.75 41.57 18.53
CA HIS D 41 -13.55 42.81 17.76
C HIS D 41 -14.02 42.62 16.32
N GLY D 42 -14.89 41.62 16.13
CA GLY D 42 -15.44 41.34 14.82
C GLY D 42 -14.39 40.97 13.77
N LYS D 43 -13.27 40.41 14.21
CA LYS D 43 -12.22 40.04 13.28
C LYS D 43 -11.32 38.88 13.71
N ASN D 44 -10.53 39.09 14.75
CA ASN D 44 -9.57 38.12 15.28
C ASN D 44 -10.17 36.78 15.68
N LEU D 45 -9.75 35.70 15.00
CA LEU D 45 -10.26 34.37 15.27
C LEU D 45 -9.27 33.53 16.09
N GLU D 46 -9.78 32.80 17.07
CA GLU D 46 -8.94 31.96 17.90
C GLU D 46 -9.62 30.61 18.12
N TRP D 47 -8.88 29.53 17.89
CA TRP D 47 -9.40 28.16 18.12
C TRP D 47 -9.30 27.90 19.62
N MET D 48 -10.43 27.56 20.23
CA MET D 48 -10.45 27.33 21.67
C MET D 48 -10.21 25.90 22.11
N GLY D 49 -10.70 24.96 21.32
CA GLY D 49 -10.55 23.57 21.68
C GLY D 49 -11.49 22.70 20.88
N LEU D 50 -11.36 21.39 21.09
CA LEU D 50 -12.15 20.42 20.36
C LEU D 50 -12.64 19.35 21.31
N ILE D 51 -13.68 18.67 20.89
CA ILE D 51 -14.16 17.56 21.67
C ILE D 51 -14.57 16.47 20.71
N ASN D 52 -14.25 15.24 21.10
CA ASN D 52 -14.60 14.05 20.36
C ASN D 52 -15.99 13.71 20.90
N PRO D 53 -17.03 13.93 20.11
CA PRO D 53 -18.42 13.66 20.54
C PRO D 53 -18.71 12.21 20.89
N TYR D 54 -18.03 11.31 20.21
CA TYR D 54 -18.22 9.88 20.42
C TYR D 54 -17.69 9.42 21.77
N LYS D 55 -16.53 9.93 22.14
CA LYS D 55 -15.85 9.56 23.38
C LYS D 55 -15.99 10.58 24.52
N GLY D 56 -16.41 11.79 24.20
CA GLY D 56 -16.54 12.84 25.21
C GLY D 56 -15.21 13.33 25.76
N VAL D 57 -14.14 13.18 24.98
CA VAL D 57 -12.79 13.56 25.40
C VAL D 57 -12.43 14.86 24.71
N SER D 58 -11.95 15.85 25.47
CA SER D 58 -11.62 17.16 24.92
C SER D 58 -10.13 17.49 24.91
N THR D 59 -9.75 18.38 23.98
CA THR D 59 -8.36 18.85 23.87
C THR D 59 -8.45 20.37 23.68
N TYR D 60 -7.81 21.10 24.59
CA TYR D 60 -7.87 22.56 24.61
C TYR D 60 -6.66 23.33 24.17
N ASN D 61 -6.91 24.56 23.75
CA ASN D 61 -5.86 25.50 23.45
C ASN D 61 -5.52 25.92 24.90
N GLN D 62 -4.25 25.83 25.30
CA GLN D 62 -3.86 26.22 26.66
C GLN D 62 -4.39 27.60 27.06
N LYS D 63 -4.59 28.49 26.09
CA LYS D 63 -5.07 29.83 26.37
C LYS D 63 -6.51 29.83 26.88
N PHE D 64 -7.27 28.81 26.52
CA PHE D 64 -8.67 28.76 26.94
C PHE D 64 -9.02 27.61 27.87
N LYS D 65 -8.04 26.79 28.26
CA LYS D 65 -8.35 25.64 29.15
C LYS D 65 -8.97 26.09 30.48
N ASP D 66 -8.54 27.23 30.99
CA ASP D 66 -9.08 27.72 32.27
C ASP D 66 -10.49 28.33 32.09
N LYS D 67 -10.72 28.85 30.89
CA LYS D 67 -11.97 29.56 30.51
C LYS D 67 -13.15 28.76 30.01
N ALA D 68 -12.91 27.58 29.46
CA ALA D 68 -14.00 26.82 28.90
C ALA D 68 -14.08 25.36 29.29
N THR D 69 -15.30 24.84 29.29
CA THR D 69 -15.52 23.43 29.58
C THR D 69 -16.39 22.91 28.45
N LEU D 70 -15.85 21.98 27.66
CA LEU D 70 -16.61 21.42 26.55
C LEU D 70 -17.28 20.11 26.94
N THR D 71 -18.52 19.92 26.47
CA THR D 71 -19.28 18.69 26.68
C THR D 71 -20.20 18.45 25.48
N VAL D 72 -20.79 17.26 25.43
CA VAL D 72 -21.73 16.94 24.37
C VAL D 72 -22.81 16.05 24.94
N ASP D 73 -23.93 16.01 24.25
CA ASP D 73 -25.07 15.18 24.60
C ASP D 73 -25.31 14.38 23.33
N LYS D 74 -24.79 13.17 23.29
CA LYS D 74 -24.93 12.33 22.11
C LYS D 74 -26.38 12.06 21.72
N SER D 75 -27.23 11.83 22.72
CA SER D 75 -28.63 11.52 22.45
C SER D 75 -29.34 12.60 21.69
N SER D 76 -28.91 13.85 21.85
CA SER D 76 -29.56 14.96 21.16
C SER D 76 -28.70 15.64 20.09
N SER D 77 -27.52 15.09 19.83
CA SER D 77 -26.63 15.68 18.82
C SER D 77 -26.34 17.15 19.14
N THR D 78 -26.13 17.44 20.42
CA THR D 78 -25.87 18.80 20.84
C THR D 78 -24.50 18.94 21.51
N ALA D 79 -23.76 19.98 21.14
CA ALA D 79 -22.46 20.23 21.74
C ALA D 79 -22.62 21.46 22.63
N TYR D 80 -21.94 21.47 23.77
CA TYR D 80 -22.03 22.59 24.69
C TYR D 80 -20.66 23.14 25.06
N MET D 81 -20.60 24.45 25.28
CA MET D 81 -19.38 25.08 25.76
C MET D 81 -19.80 25.99 26.91
N GLU D 82 -19.28 25.69 28.09
CA GLU D 82 -19.56 26.52 29.26
C GLU D 82 -18.39 27.49 29.42
N LEU D 83 -18.69 28.77 29.52
CA LEU D 83 -17.65 29.81 29.68
C LEU D 83 -17.67 30.23 31.14
N LEU D 84 -16.50 30.17 31.78
CA LEU D 84 -16.38 30.45 33.21
C LEU D 84 -15.75 31.78 33.60
N SER D 85 -16.00 32.19 34.84
CA SER D 85 -15.46 33.44 35.39
C SER D 85 -15.36 34.53 34.34
N LEU D 86 -16.51 34.89 33.76
CA LEU D 86 -16.55 35.88 32.70
C LEU D 86 -16.10 37.30 33.02
N THR D 87 -15.40 37.90 32.07
CA THR D 87 -14.92 39.28 32.16
C THR D 87 -15.31 39.91 30.81
N SER D 88 -15.23 41.23 30.71
CA SER D 88 -15.57 41.90 29.47
C SER D 88 -14.69 41.40 28.31
N GLU D 89 -13.48 40.92 28.62
CA GLU D 89 -12.58 40.39 27.59
C GLU D 89 -13.13 39.13 26.92
N ASP D 90 -14.17 38.55 27.52
CA ASP D 90 -14.81 37.37 26.98
C ASP D 90 -15.97 37.74 26.06
N SER D 91 -16.24 39.05 25.94
CA SER D 91 -17.31 39.48 25.03
C SER D 91 -16.81 39.21 23.62
N ALA D 92 -17.59 38.45 22.86
CA ALA D 92 -17.16 38.09 21.51
C ALA D 92 -18.24 37.24 20.86
N VAL D 93 -17.98 36.79 19.64
CA VAL D 93 -18.92 35.91 18.95
C VAL D 93 -18.23 34.55 19.01
N TYR D 94 -18.94 33.52 19.46
CA TYR D 94 -18.35 32.19 19.56
C TYR D 94 -18.99 31.28 18.53
N TYR D 95 -18.17 30.55 17.80
CA TYR D 95 -18.64 29.64 16.77
C TYR D 95 -18.35 28.17 17.08
N CYS D 96 -19.26 27.27 16.73
CA CYS D 96 -18.91 25.87 16.83
C CYS D 96 -18.64 25.54 15.37
N ALA D 97 -17.66 24.68 15.12
CA ALA D 97 -17.35 24.33 13.74
C ALA D 97 -16.91 22.88 13.71
N ARG D 98 -17.40 22.17 12.71
CA ARG D 98 -17.09 20.75 12.55
C ARG D 98 -15.77 20.50 11.82
N SER D 99 -15.09 19.43 12.19
CA SER D 99 -13.89 19.00 11.47
C SER D 99 -13.94 17.47 11.44
N GLY D 100 -13.03 16.84 10.69
CA GLY D 100 -13.03 15.39 10.64
C GLY D 100 -12.81 14.70 11.98
N TYR D 101 -13.27 13.47 12.09
CA TYR D 101 -13.08 12.72 13.32
C TYR D 101 -11.63 12.33 13.53
N TYR D 102 -10.95 11.94 12.44
CA TYR D 102 -9.57 11.48 12.53
C TYR D 102 -8.57 12.54 12.11
N GLY D 103 -7.29 12.26 12.38
CA GLY D 103 -6.21 13.18 12.07
C GLY D 103 -5.99 13.50 10.62
N ASP D 104 -6.62 12.77 9.72
CA ASP D 104 -6.46 13.06 8.30
C ASP D 104 -7.32 14.28 7.91
N SER D 105 -8.25 14.67 8.76
CA SER D 105 -9.08 15.83 8.43
C SER D 105 -9.62 16.62 9.62
N ASP D 106 -9.10 16.37 10.81
CA ASP D 106 -9.61 17.10 11.98
C ASP D 106 -9.08 18.55 12.08
N TRP D 107 -8.14 18.90 11.19
CA TRP D 107 -7.47 20.20 11.23
C TRP D 107 -7.97 21.32 10.29
N TYR D 108 -9.12 21.13 9.65
CA TYR D 108 -9.73 22.18 8.83
C TYR D 108 -11.22 22.09 9.16
N PHE D 109 -11.90 23.23 9.26
CA PHE D 109 -13.31 23.24 9.67
C PHE D 109 -14.28 23.36 8.49
N ASP D 110 -14.98 22.27 8.18
CA ASP D 110 -15.86 22.30 7.01
C ASP D 110 -17.30 22.76 7.14
N VAL D 111 -17.80 22.84 8.36
CA VAL D 111 -19.17 23.31 8.57
C VAL D 111 -19.13 24.21 9.79
N TRP D 112 -19.72 25.39 9.68
CA TRP D 112 -19.71 26.36 10.77
C TRP D 112 -21.12 26.75 11.24
N GLY D 113 -21.28 26.93 12.54
CA GLY D 113 -22.54 27.38 13.10
C GLY D 113 -22.63 28.88 12.79
N GLN D 114 -23.77 29.50 13.06
CA GLN D 114 -23.91 30.92 12.73
C GLN D 114 -23.28 31.87 13.74
N GLY D 115 -22.81 31.34 14.86
CA GLY D 115 -22.20 32.17 15.88
C GLY D 115 -23.17 32.59 16.97
N THR D 116 -22.65 32.75 18.17
CA THR D 116 -23.44 33.17 19.32
C THR D 116 -22.75 34.38 19.93
N THR D 117 -23.44 35.51 20.00
CA THR D 117 -22.82 36.69 20.59
C THR D 117 -22.99 36.68 22.11
N LEU D 118 -21.88 36.90 22.81
CA LEU D 118 -21.84 36.97 24.27
C LEU D 118 -21.30 38.36 24.63
N THR D 119 -22.02 39.07 25.50
CA THR D 119 -21.60 40.40 25.92
C THR D 119 -21.60 40.37 27.43
N VAL D 120 -20.46 40.70 28.02
CA VAL D 120 -20.26 40.68 29.47
C VAL D 120 -20.02 42.09 29.93
N PHE D 121 -20.94 42.62 30.72
CA PHE D 121 -20.81 43.99 31.21
C PHE D 121 -21.64 44.14 32.47
N SER D 122 -21.45 45.25 33.17
CA SER D 122 -22.22 45.52 34.38
C SER D 122 -22.92 46.88 34.28
N GLN E 12 2.58 1.43 -22.01
CA GLN E 12 2.49 2.05 -23.36
C GLN E 12 1.05 2.29 -23.75
N THR E 13 0.49 1.35 -24.51
CA THR E 13 -0.88 1.41 -24.97
C THR E 13 -1.80 1.42 -23.75
N PRO E 14 -2.81 2.29 -23.75
CA PRO E 14 -3.72 2.35 -22.60
C PRO E 14 -4.48 1.04 -22.38
N TYR E 15 -4.91 0.83 -21.14
CA TYR E 15 -5.75 -0.31 -20.81
C TYR E 15 -7.05 0.07 -21.54
N LYS E 16 -7.84 -0.92 -21.94
CA LYS E 16 -9.12 -0.60 -22.56
C LYS E 16 -10.15 -1.03 -21.54
N VAL E 17 -11.23 -0.26 -21.43
CA VAL E 17 -12.27 -0.58 -20.46
C VAL E 17 -13.62 -0.64 -21.16
N SER E 18 -14.32 -1.75 -20.97
CA SER E 18 -15.62 -1.91 -21.61
C SER E 18 -16.61 -2.40 -20.55
N ILE E 19 -17.69 -1.66 -20.38
CA ILE E 19 -18.73 -2.03 -19.42
C ILE E 19 -20.02 -2.32 -20.18
N SER E 20 -20.62 -3.47 -19.88
CA SER E 20 -21.86 -3.87 -20.52
C SER E 20 -22.77 -4.47 -19.46
N GLY E 21 -23.66 -3.64 -18.93
CA GLY E 21 -24.57 -4.09 -17.90
C GLY E 21 -23.85 -4.17 -16.57
N THR E 22 -23.70 -5.39 -16.05
CA THR E 22 -23.03 -5.58 -14.77
C THR E 22 -21.66 -6.21 -14.97
N THR E 23 -21.19 -6.23 -16.22
CA THR E 23 -19.89 -6.82 -16.48
C THR E 23 -18.89 -5.77 -16.93
N VAL E 24 -17.73 -5.79 -16.28
CA VAL E 24 -16.65 -4.89 -16.62
C VAL E 24 -15.58 -5.74 -17.28
N ILE E 25 -15.14 -5.37 -18.47
CA ILE E 25 -14.09 -6.13 -19.13
C ILE E 25 -12.89 -5.23 -19.37
N LEU E 26 -11.74 -5.59 -18.80
CA LEU E 26 -10.54 -4.79 -18.97
C LEU E 26 -9.67 -5.49 -20.01
N THR E 27 -9.06 -4.71 -20.89
CA THR E 27 -8.20 -5.29 -21.90
C THR E 27 -6.82 -4.68 -21.76
N CYS E 28 -5.82 -5.53 -21.89
CA CYS E 28 -4.42 -5.14 -21.82
C CYS E 28 -3.74 -5.50 -23.14
N PRO E 29 -3.88 -4.64 -24.17
CA PRO E 29 -3.28 -4.90 -25.47
C PRO E 29 -1.82 -4.45 -25.51
N GLN E 30 -1.21 -4.39 -24.34
CA GLN E 30 0.16 -3.90 -24.24
C GLN E 30 1.29 -4.88 -24.54
N TYR E 31 0.99 -6.18 -24.59
CA TYR E 31 2.03 -7.20 -24.82
C TYR E 31 1.59 -8.27 -25.82
N PRO E 32 1.33 -7.85 -27.06
CA PRO E 32 0.88 -8.78 -28.11
C PRO E 32 1.70 -10.06 -28.21
N GLY E 33 1.00 -11.19 -28.20
CA GLY E 33 1.67 -12.47 -28.29
C GLY E 33 1.98 -13.16 -26.97
N SER E 34 1.95 -12.43 -25.87
CA SER E 34 2.26 -13.04 -24.57
C SER E 34 1.03 -13.39 -23.75
N GLU E 35 1.21 -14.37 -22.87
CA GLU E 35 0.15 -14.75 -21.94
C GLU E 35 0.18 -13.55 -20.97
N ILE E 36 -0.98 -13.12 -20.50
CA ILE E 36 -1.08 -11.97 -19.61
C ILE E 36 -1.52 -12.36 -18.21
N LEU E 37 -0.93 -11.72 -17.20
CA LEU E 37 -1.28 -11.99 -15.80
C LEU E 37 -1.75 -10.69 -15.15
N TRP E 38 -2.56 -10.79 -14.10
CA TRP E 38 -3.13 -9.62 -13.43
C TRP E 38 -3.02 -9.58 -11.90
N GLN E 39 -3.11 -8.37 -11.35
CA GLN E 39 -3.15 -8.16 -9.90
C GLN E 39 -4.18 -7.06 -9.67
N HIS E 40 -4.85 -7.11 -8.54
CA HIS E 40 -5.85 -6.12 -8.16
C HIS E 40 -5.49 -5.73 -6.75
N ASN E 41 -5.19 -4.44 -6.55
CA ASN E 41 -4.82 -3.95 -5.23
C ASN E 41 -3.73 -4.84 -4.63
N ASP E 42 -2.75 -5.18 -5.47
CA ASP E 42 -1.60 -6.02 -5.12
C ASP E 42 -1.87 -7.50 -4.86
N LYS E 43 -3.07 -7.95 -5.20
CA LYS E 43 -3.44 -9.34 -5.00
C LYS E 43 -3.54 -10.05 -6.36
N ASN E 44 -2.94 -11.23 -6.47
CA ASN E 44 -3.01 -11.96 -7.73
C ASN E 44 -4.45 -12.34 -8.03
N ILE E 45 -4.90 -12.16 -9.26
CA ILE E 45 -6.26 -12.53 -9.64
C ILE E 45 -6.30 -13.03 -11.07
N GLY E 46 -7.36 -13.74 -11.43
CA GLY E 46 -7.48 -14.24 -12.80
C GLY E 46 -7.13 -15.71 -12.98
N GLY E 47 -6.65 -16.33 -11.89
CA GLY E 47 -6.31 -17.73 -11.93
C GLY E 47 -7.51 -18.56 -11.52
N ASP E 48 -7.26 -19.73 -10.96
CA ASP E 48 -8.34 -20.63 -10.55
C ASP E 48 -8.74 -20.44 -9.09
N GLU E 49 -9.05 -19.20 -8.71
CA GLU E 49 -9.43 -18.91 -7.33
C GLU E 49 -10.90 -19.17 -6.94
N ASP E 50 -11.60 -19.97 -7.73
CA ASP E 50 -13.00 -20.31 -7.46
C ASP E 50 -14.00 -19.23 -7.80
N ASP E 51 -13.67 -17.97 -7.51
CA ASP E 51 -14.58 -16.87 -7.83
C ASP E 51 -14.76 -16.93 -9.34
N LYS E 52 -15.86 -17.54 -9.77
CA LYS E 52 -16.12 -17.70 -11.19
C LYS E 52 -16.65 -16.42 -11.85
N ASN E 53 -16.66 -15.32 -11.10
CA ASN E 53 -17.12 -14.07 -11.69
C ASN E 53 -15.92 -13.32 -12.24
N ILE E 54 -14.73 -13.82 -11.92
CA ILE E 54 -13.48 -13.22 -12.40
C ILE E 54 -12.80 -14.20 -13.35
N GLY E 55 -12.79 -13.86 -14.64
CA GLY E 55 -12.16 -14.71 -15.63
C GLY E 55 -11.15 -14.00 -16.51
N SER E 56 -10.07 -14.68 -16.87
CA SER E 56 -9.07 -14.09 -17.73
C SER E 56 -8.89 -14.96 -18.97
N ASP E 57 -8.93 -14.34 -20.13
CA ASP E 57 -8.76 -15.05 -21.39
C ASP E 57 -8.04 -14.13 -22.33
N GLU E 58 -6.97 -14.65 -22.92
CA GLU E 58 -6.15 -13.86 -23.83
C GLU E 58 -5.75 -12.56 -23.12
N ASP E 59 -6.04 -11.40 -23.70
CA ASP E 59 -5.63 -10.16 -23.06
C ASP E 59 -6.72 -9.46 -22.25
N HIS E 60 -7.80 -10.19 -21.97
CA HIS E 60 -8.95 -9.65 -21.24
C HIS E 60 -9.08 -10.21 -19.83
N LEU E 61 -9.65 -9.39 -18.94
CA LEU E 61 -9.97 -9.79 -17.58
C LEU E 61 -11.44 -9.41 -17.50
N SER E 62 -12.32 -10.40 -17.40
CA SER E 62 -13.76 -10.14 -17.32
C SER E 62 -14.23 -10.24 -15.90
N LEU E 63 -14.84 -9.17 -15.40
CA LEU E 63 -15.34 -9.13 -14.04
C LEU E 63 -16.87 -9.07 -14.09
N LYS E 64 -17.53 -10.21 -14.01
CA LYS E 64 -18.98 -10.26 -14.07
C LYS E 64 -19.59 -9.90 -12.71
N GLU E 65 -20.81 -9.38 -12.71
CA GLU E 65 -21.46 -8.98 -11.48
C GLU E 65 -20.54 -8.06 -10.67
N PHE E 66 -19.94 -7.12 -11.40
CA PHE E 66 -18.99 -6.15 -10.85
C PHE E 66 -19.46 -5.33 -9.65
N SER E 67 -18.69 -5.41 -8.57
CA SER E 67 -18.98 -4.69 -7.33
C SER E 67 -18.12 -3.44 -7.21
N GLU E 68 -18.73 -2.26 -7.33
CA GLU E 68 -17.99 -1.00 -7.22
C GLU E 68 -17.15 -0.93 -5.95
N LEU E 69 -17.74 -1.35 -4.84
CA LEU E 69 -17.07 -1.32 -3.55
C LEU E 69 -15.92 -2.29 -3.41
N GLU E 70 -16.13 -3.53 -3.85
CA GLU E 70 -15.10 -4.56 -3.71
C GLU E 70 -14.13 -4.61 -4.89
N GLN E 71 -14.57 -4.12 -6.05
CA GLN E 71 -13.72 -4.22 -7.23
C GLN E 71 -13.19 -2.96 -7.89
N SER E 72 -13.38 -1.81 -7.25
CA SER E 72 -12.81 -0.58 -7.77
C SER E 72 -11.38 -0.71 -7.26
N GLY E 73 -10.49 0.13 -7.75
CA GLY E 73 -9.13 0.02 -7.27
C GLY E 73 -8.11 -0.11 -8.39
N TYR E 74 -6.92 -0.51 -8.00
CA TYR E 74 -5.79 -0.67 -8.92
C TYR E 74 -5.70 -2.03 -9.57
N TYR E 75 -5.55 -2.02 -10.89
CA TYR E 75 -5.40 -3.24 -11.67
C TYR E 75 -4.13 -3.07 -12.47
N VAL E 76 -3.35 -4.15 -12.59
CA VAL E 76 -2.14 -4.08 -13.37
C VAL E 76 -1.99 -5.40 -14.13
N CYS E 77 -1.59 -5.31 -15.40
CA CYS E 77 -1.37 -6.51 -16.19
C CYS E 77 0.10 -6.55 -16.53
N TYR E 78 0.64 -7.74 -16.75
CA TYR E 78 2.04 -7.89 -17.12
C TYR E 78 2.17 -9.20 -17.89
N PRO E 79 3.17 -9.28 -18.77
CA PRO E 79 3.32 -10.51 -19.54
C PRO E 79 4.05 -11.61 -18.78
N ARG E 80 3.77 -12.86 -19.13
CA ARG E 80 4.45 -14.00 -18.52
C ARG E 80 5.94 -13.76 -18.72
N GLY E 81 6.74 -14.01 -17.67
CA GLY E 81 8.16 -13.75 -17.81
C GLY E 81 8.53 -12.50 -17.03
N SER E 82 7.53 -11.66 -16.80
CA SER E 82 7.72 -10.42 -16.04
C SER E 82 7.24 -10.60 -14.61
N LYS E 83 7.54 -9.61 -13.77
CA LYS E 83 7.17 -9.66 -12.34
C LYS E 83 6.28 -8.48 -11.96
N PRO E 84 5.26 -8.73 -11.13
CA PRO E 84 4.36 -7.64 -10.72
C PRO E 84 5.11 -6.45 -10.10
N GLU E 85 6.15 -6.75 -9.33
CA GLU E 85 6.93 -5.69 -8.68
C GLU E 85 7.57 -4.72 -9.66
N ASP E 86 7.80 -5.15 -10.89
CA ASP E 86 8.41 -4.27 -11.88
C ASP E 86 7.38 -3.53 -12.70
N ALA E 87 6.12 -3.97 -12.62
CA ALA E 87 5.06 -3.33 -13.39
C ALA E 87 4.95 -1.89 -12.88
N ASN E 88 4.80 -0.93 -13.78
CA ASN E 88 4.74 0.45 -13.35
C ASN E 88 3.65 1.25 -14.04
N PHE E 89 2.76 0.58 -14.75
CA PHE E 89 1.64 1.24 -15.42
C PHE E 89 0.36 0.55 -14.93
N TYR E 90 -0.35 1.27 -14.06
CA TYR E 90 -1.56 0.80 -13.40
C TYR E 90 -2.83 1.44 -13.90
N LEU E 91 -3.93 0.74 -13.72
CA LEU E 91 -5.24 1.29 -14.07
C LEU E 91 -5.92 1.52 -12.71
N TYR E 92 -6.48 2.70 -12.51
CA TYR E 92 -7.20 2.94 -11.26
C TYR E 92 -8.64 3.04 -11.72
N LEU E 93 -9.40 2.00 -11.39
CA LEU E 93 -10.80 1.87 -11.80
C LEU E 93 -11.82 2.19 -10.71
N ARG E 94 -12.78 3.05 -11.05
CA ARG E 94 -13.85 3.44 -10.14
C ARG E 94 -15.10 3.45 -11.01
N ALA E 95 -15.97 2.46 -10.85
CA ALA E 95 -17.14 2.42 -11.69
C ALA E 95 -18.36 1.85 -10.99
N ARG E 96 -19.51 2.43 -11.30
CA ARG E 96 -20.77 1.99 -10.74
C ARG E 96 -21.51 1.29 -11.84
N VAL E 97 -22.19 0.21 -11.49
CA VAL E 97 -22.96 -0.57 -12.45
C VAL E 97 -24.45 -0.30 -12.26
N CYS E 98 -24.99 0.58 -13.09
CA CYS E 98 -26.40 0.95 -13.02
C CYS E 98 -27.25 0.11 -13.97
N LYS F 2 3.19 2.40 -6.81
CA LYS F 2 2.11 2.92 -7.69
C LYS F 2 1.53 4.24 -7.19
N ILE F 3 1.15 5.09 -8.15
CA ILE F 3 0.61 6.43 -7.88
C ILE F 3 -0.67 6.49 -7.07
N PRO F 4 -0.64 7.20 -5.93
CA PRO F 4 -1.89 7.24 -5.19
C PRO F 4 -2.89 8.25 -5.81
N ILE F 5 -4.12 7.80 -5.91
CA ILE F 5 -5.20 8.61 -6.42
C ILE F 5 -5.95 9.01 -5.15
N GLU F 6 -6.29 10.29 -5.04
CA GLU F 6 -6.98 10.76 -3.84
C GLU F 6 -8.40 11.15 -4.15
N GLU F 7 -9.34 10.55 -3.43
CA GLU F 7 -10.74 10.85 -3.60
C GLU F 7 -11.14 11.56 -2.31
N LEU F 8 -11.00 12.88 -2.31
CA LEU F 8 -11.33 13.68 -1.14
C LEU F 8 -12.55 14.52 -1.42
N GLU F 9 -13.55 14.35 -0.57
CA GLU F 9 -14.83 15.03 -0.73
C GLU F 9 -15.45 14.58 -2.05
N ASP F 10 -15.55 15.49 -3.01
CA ASP F 10 -16.14 15.16 -4.31
C ASP F 10 -15.13 15.25 -5.44
N ARG F 11 -13.85 15.42 -5.11
CA ARG F 11 -12.82 15.57 -6.14
C ARG F 11 -11.83 14.43 -6.22
N VAL F 12 -11.14 14.36 -7.35
CA VAL F 12 -10.13 13.34 -7.58
C VAL F 12 -8.79 14.03 -7.85
N PHE F 13 -7.76 13.60 -7.14
CA PHE F 13 -6.43 14.17 -7.33
C PHE F 13 -5.43 13.07 -7.60
N VAL F 14 -4.44 13.37 -8.44
CA VAL F 14 -3.34 12.44 -8.72
C VAL F 14 -2.25 13.04 -7.86
N ASN F 15 -1.65 12.22 -7.00
CA ASN F 15 -0.63 12.71 -6.09
C ASN F 15 0.74 12.08 -6.33
N CYS F 16 1.70 12.89 -6.72
CA CYS F 16 3.05 12.40 -6.94
C CYS F 16 4.01 13.02 -5.93
N ASN F 17 5.20 12.43 -5.80
CA ASN F 17 6.19 12.91 -4.88
C ASN F 17 6.87 14.19 -5.35
N THR F 18 7.37 14.17 -6.58
CA THR F 18 8.10 15.31 -7.12
C THR F 18 7.45 16.08 -8.26
N SER F 19 7.17 15.38 -9.36
CA SER F 19 6.55 16.06 -10.50
C SER F 19 5.50 15.14 -11.09
N ILE F 20 4.53 15.73 -11.78
CA ILE F 20 3.43 15.00 -12.41
C ILE F 20 3.41 15.35 -13.90
N THR F 21 3.31 14.35 -14.76
CA THR F 21 3.32 14.60 -16.20
C THR F 21 2.03 14.12 -16.85
N TRP F 22 1.33 15.03 -17.54
CA TRP F 22 0.12 14.69 -18.26
C TRP F 22 0.54 13.88 -19.47
N VAL F 23 -0.15 12.78 -19.74
CA VAL F 23 0.16 11.97 -20.89
C VAL F 23 -1.02 12.07 -21.88
N GLU F 24 -2.24 11.86 -21.38
CA GLU F 24 -3.45 11.98 -22.20
C GLU F 24 -4.71 12.03 -21.34
N GLY F 25 -5.84 12.36 -21.96
CA GLY F 25 -7.10 12.44 -21.23
C GLY F 25 -7.29 13.74 -20.49
N THR F 26 -8.12 13.70 -19.44
CA THR F 26 -8.43 14.86 -18.62
C THR F 26 -7.16 15.63 -18.25
N VAL F 27 -7.14 16.91 -18.62
CA VAL F 27 -5.97 17.75 -18.35
C VAL F 27 -5.87 18.16 -16.88
N GLY F 28 -7.01 18.46 -16.28
CA GLY F 28 -7.04 18.86 -14.89
C GLY F 28 -6.40 20.20 -14.59
N THR F 29 -6.09 20.43 -13.33
CA THR F 29 -5.48 21.67 -12.86
C THR F 29 -4.27 21.31 -12.02
N LEU F 30 -3.10 21.81 -12.40
CA LEU F 30 -1.90 21.50 -11.66
C LEU F 30 -1.83 22.33 -10.37
N LEU F 31 -1.68 21.64 -9.25
CA LEU F 31 -1.54 22.28 -7.94
C LEU F 31 -0.07 22.00 -7.62
N SER F 32 0.81 22.76 -8.28
CA SER F 32 2.25 22.56 -8.18
C SER F 32 2.91 22.51 -6.82
N ASP F 33 2.47 23.35 -5.88
CA ASP F 33 3.10 23.35 -4.57
C ASP F 33 2.91 22.06 -3.77
N ILE F 34 1.74 21.47 -3.87
CA ILE F 34 1.50 20.22 -3.15
C ILE F 34 1.67 19.03 -4.11
N THR F 35 2.26 19.31 -5.28
CA THR F 35 2.47 18.31 -6.33
C THR F 35 1.30 17.34 -6.51
N ARG F 36 0.18 17.91 -6.95
CA ARG F 36 -1.01 17.14 -7.21
C ARG F 36 -1.67 17.72 -8.44
N LEU F 37 -2.41 16.89 -9.15
CA LEU F 37 -3.13 17.32 -10.31
C LEU F 37 -4.58 17.10 -9.96
N ASP F 38 -5.36 18.18 -9.92
CA ASP F 38 -6.79 18.12 -9.59
C ASP F 38 -7.57 17.78 -10.86
N LEU F 39 -8.10 16.55 -10.95
CA LEU F 39 -8.84 16.12 -12.13
C LEU F 39 -10.30 16.57 -12.11
N GLY F 40 -10.69 17.26 -11.05
CA GLY F 40 -12.06 17.74 -11.00
C GLY F 40 -13.04 16.83 -10.27
N LYS F 41 -14.31 17.19 -10.34
CA LYS F 41 -15.35 16.43 -9.67
C LYS F 41 -15.43 15.00 -10.18
N ARG F 42 -15.59 14.07 -9.25
CA ARG F 42 -15.69 12.65 -9.56
C ARG F 42 -16.88 12.36 -10.48
N ILE F 43 -18.00 13.04 -10.26
CA ILE F 43 -19.20 12.83 -11.08
C ILE F 43 -19.02 13.15 -12.57
N LEU F 44 -17.97 13.89 -12.92
CA LEU F 44 -17.75 14.20 -14.32
C LEU F 44 -16.89 13.14 -15.04
N ASP F 45 -16.76 11.97 -14.40
CA ASP F 45 -15.99 10.86 -14.98
C ASP F 45 -14.61 11.20 -15.52
N PRO F 46 -13.70 11.69 -14.67
CA PRO F 46 -12.38 12.01 -15.23
C PRO F 46 -11.68 10.71 -15.72
N ARG F 47 -10.93 10.81 -16.81
CA ARG F 47 -10.22 9.68 -17.40
C ARG F 47 -8.97 10.19 -18.10
N GLY F 48 -7.85 9.53 -17.86
CA GLY F 48 -6.62 9.96 -18.50
C GLY F 48 -5.44 9.15 -18.02
N ILE F 49 -4.26 9.52 -18.49
CA ILE F 49 -3.04 8.83 -18.10
C ILE F 49 -2.07 9.89 -17.59
N TYR F 50 -1.42 9.60 -16.47
CA TYR F 50 -0.52 10.55 -15.82
C TYR F 50 0.69 9.82 -15.32
N ARG F 51 1.83 10.49 -15.36
CA ARG F 51 3.03 9.85 -14.89
C ARG F 51 3.59 10.58 -13.68
N CYS F 52 3.98 9.80 -12.68
CA CYS F 52 4.57 10.33 -11.46
C CYS F 52 6.08 10.11 -11.63
N ASN F 53 6.86 11.17 -11.60
CA ASN F 53 8.30 11.04 -11.78
C ASN F 53 9.06 10.91 -10.47
N GLU F 62 9.79 5.81 -11.04
CA GLU F 62 8.71 6.49 -11.75
C GLU F 62 7.54 5.53 -11.87
N SER F 63 6.35 6.07 -12.12
CA SER F 63 5.17 5.24 -12.25
C SER F 63 4.14 5.92 -13.14
N THR F 64 3.24 5.15 -13.75
CA THR F 64 2.21 5.74 -14.59
C THR F 64 0.84 5.19 -14.20
N VAL F 65 -0.16 6.06 -14.16
CA VAL F 65 -1.48 5.62 -13.78
C VAL F 65 -2.53 6.07 -14.77
N GLN F 66 -3.42 5.16 -15.10
CA GLN F 66 -4.51 5.49 -16.00
C GLN F 66 -5.75 5.54 -15.13
N VAL F 67 -6.37 6.72 -15.07
CA VAL F 67 -7.57 6.94 -14.28
C VAL F 67 -8.81 6.65 -15.12
N HIS F 68 -9.78 5.94 -14.55
CA HIS F 68 -10.99 5.62 -15.26
C HIS F 68 -12.19 5.66 -14.34
N TYR F 69 -12.94 6.75 -14.43
CA TYR F 69 -14.13 6.92 -13.61
C TYR F 69 -15.35 6.77 -14.52
N ARG F 70 -16.36 6.06 -14.03
CA ARG F 70 -17.59 5.85 -14.78
C ARG F 70 -18.66 5.75 -13.70
N MET F 71 -19.03 6.91 -13.15
CA MET F 71 -19.99 7.01 -12.07
C MET F 71 -21.48 7.07 -12.42
N CYS F 72 -21.81 7.09 -13.70
CA CYS F 72 -23.22 7.16 -14.09
C CYS F 72 -23.93 8.32 -13.38
N MET G 1 18.47 -18.43 -24.49
CA MET G 1 18.63 -17.37 -25.51
C MET G 1 19.85 -16.50 -25.27
N ASP G 2 19.62 -15.31 -24.71
CA ASP G 2 20.72 -14.39 -24.51
C ASP G 2 21.41 -14.35 -23.16
N ILE G 3 20.70 -14.50 -22.04
CA ILE G 3 21.45 -14.43 -20.80
C ILE G 3 22.19 -15.74 -20.52
N GLN G 4 23.52 -15.66 -20.66
CA GLN G 4 24.38 -16.80 -20.44
C GLN G 4 24.84 -16.86 -18.99
N MET G 5 24.62 -18.01 -18.36
CA MET G 5 25.05 -18.18 -16.99
C MET G 5 26.28 -19.08 -17.04
N THR G 6 27.26 -18.78 -16.20
CA THR G 6 28.46 -19.60 -16.18
C THR G 6 28.94 -19.78 -14.76
N GLN G 7 29.30 -21.02 -14.44
CA GLN G 7 29.83 -21.31 -13.12
C GLN G 7 31.33 -21.57 -13.25
N THR G 8 32.11 -20.68 -12.64
CA THR G 8 33.57 -20.75 -12.68
C THR G 8 34.16 -22.12 -12.39
N THR G 9 33.87 -22.66 -11.21
CA THR G 9 34.37 -23.96 -10.78
C THR G 9 33.50 -25.12 -11.26
N SER G 10 34.14 -26.17 -11.77
CA SER G 10 33.40 -27.35 -12.22
C SER G 10 33.26 -28.39 -11.12
N SER G 11 34.33 -28.57 -10.33
CA SER G 11 34.33 -29.54 -9.25
C SER G 11 34.92 -28.92 -7.98
N LEU G 12 34.58 -29.49 -6.83
CA LEU G 12 35.06 -28.95 -5.57
C LEU G 12 35.21 -30.06 -4.52
N SER G 13 36.38 -30.12 -3.90
CA SER G 13 36.63 -31.13 -2.88
C SER G 13 36.89 -30.49 -1.51
N ALA G 14 36.28 -31.06 -0.47
CA ALA G 14 36.45 -30.55 0.88
C ALA G 14 36.29 -31.67 1.91
N SER G 15 36.20 -31.30 3.17
CA SER G 15 36.04 -32.25 4.27
C SER G 15 34.89 -31.79 5.14
N LEU G 16 34.39 -32.67 5.99
CA LEU G 16 33.29 -32.29 6.88
C LEU G 16 33.63 -31.01 7.62
N GLY G 17 32.60 -30.37 8.17
CA GLY G 17 32.80 -29.13 8.92
C GLY G 17 33.38 -27.99 8.11
N ASP G 18 33.82 -28.27 6.88
CA ASP G 18 34.39 -27.23 6.03
C ASP G 18 33.31 -26.23 5.56
N ARG G 19 33.77 -25.14 4.97
CA ARG G 19 32.89 -24.10 4.45
C ARG G 19 33.35 -23.78 3.04
N VAL G 20 32.47 -23.98 2.06
CA VAL G 20 32.81 -23.71 0.67
C VAL G 20 31.91 -22.66 0.06
N THR G 21 32.37 -22.05 -1.03
CA THR G 21 31.59 -21.04 -1.72
C THR G 21 31.64 -21.32 -3.21
N ILE G 22 30.46 -21.40 -3.82
CA ILE G 22 30.31 -21.67 -5.25
C ILE G 22 29.92 -20.39 -6.00
N SER G 23 30.68 -20.07 -7.04
CA SER G 23 30.49 -18.86 -7.84
C SER G 23 29.61 -19.00 -9.09
N CYS G 24 28.93 -17.92 -9.45
CA CYS G 24 28.06 -17.91 -10.63
C CYS G 24 28.07 -16.52 -11.28
N ARG G 25 28.14 -16.49 -12.60
CA ARG G 25 28.15 -15.23 -13.30
C ARG G 25 27.15 -15.20 -14.44
N ALA G 26 26.48 -14.06 -14.59
CA ALA G 26 25.51 -13.87 -15.68
C ALA G 26 26.16 -12.92 -16.66
N SER G 27 25.82 -13.06 -17.94
CA SER G 27 26.37 -12.21 -18.99
C SER G 27 25.69 -10.84 -19.04
N GLN G 28 24.57 -10.70 -18.32
CA GLN G 28 23.81 -9.44 -18.25
C GLN G 28 23.35 -9.29 -16.80
N ASP G 29 23.00 -8.07 -16.40
CA ASP G 29 22.54 -7.80 -15.03
C ASP G 29 21.20 -8.53 -14.84
N ILE G 30 21.10 -9.38 -13.82
CA ILE G 30 19.87 -10.13 -13.60
C ILE G 30 19.08 -9.66 -12.37
N ARG G 31 19.43 -8.48 -11.87
CA ARG G 31 18.71 -7.86 -10.75
C ARG G 31 18.30 -8.77 -9.59
N ASN G 32 19.24 -9.60 -9.16
CA ASN G 32 19.04 -10.50 -8.03
C ASN G 32 18.07 -11.67 -8.19
N TYR G 33 17.51 -11.85 -9.38
CA TYR G 33 16.61 -12.97 -9.63
C TYR G 33 17.54 -14.14 -9.99
N LEU G 34 18.20 -14.66 -8.97
CA LEU G 34 19.15 -15.75 -9.15
C LEU G 34 18.83 -16.83 -8.12
N ASN G 35 18.66 -18.06 -8.60
CA ASN G 35 18.30 -19.18 -7.73
C ASN G 35 19.34 -20.30 -7.73
N TRP G 36 19.40 -21.04 -6.63
CA TRP G 36 20.32 -22.17 -6.50
C TRP G 36 19.61 -23.48 -6.28
N TYR G 37 20.06 -24.52 -6.98
CA TYR G 37 19.50 -25.87 -6.87
C TYR G 37 20.59 -26.89 -6.53
N GLN G 38 20.16 -27.94 -5.86
CA GLN G 38 21.04 -29.03 -5.47
C GLN G 38 20.58 -30.30 -6.21
N GLN G 39 21.49 -30.95 -6.92
CA GLN G 39 21.15 -32.19 -7.62
C GLN G 39 21.98 -33.33 -7.04
N LYS G 40 21.31 -34.29 -6.41
CA LYS G 40 22.00 -35.43 -5.80
C LYS G 40 22.48 -36.43 -6.87
N PRO G 41 23.38 -37.34 -6.49
CA PRO G 41 23.92 -38.34 -7.42
C PRO G 41 22.86 -39.16 -8.15
N ASP G 42 21.69 -39.34 -7.55
CA ASP G 42 20.62 -40.11 -8.17
C ASP G 42 19.76 -39.27 -9.12
N GLY G 43 20.17 -38.03 -9.34
CA GLY G 43 19.43 -37.17 -10.26
C GLY G 43 18.31 -36.32 -9.66
N THR G 44 17.99 -36.50 -8.39
CA THR G 44 16.93 -35.69 -7.80
C THR G 44 17.38 -34.26 -7.57
N VAL G 45 16.46 -33.33 -7.81
CA VAL G 45 16.76 -31.91 -7.71
C VAL G 45 15.89 -31.20 -6.68
N LYS G 46 16.52 -30.30 -5.92
CA LYS G 46 15.81 -29.54 -4.92
C LYS G 46 16.20 -28.07 -4.96
N LEU G 47 15.21 -27.20 -4.76
CA LEU G 47 15.49 -25.75 -4.71
C LEU G 47 16.10 -25.47 -3.35
N LEU G 48 17.18 -24.67 -3.33
CA LEU G 48 17.84 -24.29 -2.09
C LEU G 48 17.54 -22.82 -1.72
N ILE G 49 17.84 -21.92 -2.65
CA ILE G 49 17.71 -20.47 -2.42
C ILE G 49 17.14 -19.77 -3.63
N TYR G 50 16.30 -18.76 -3.43
CA TYR G 50 15.79 -18.00 -4.56
C TYR G 50 15.95 -16.51 -4.30
N TYR G 51 15.94 -15.72 -5.37
CA TYR G 51 16.14 -14.29 -5.27
C TYR G 51 17.41 -14.03 -4.47
N THR G 52 18.51 -14.62 -4.95
CA THR G 52 19.84 -14.44 -4.36
C THR G 52 20.08 -14.96 -2.96
N SER G 53 19.21 -14.65 -2.01
CA SER G 53 19.45 -15.06 -0.63
C SER G 53 18.30 -15.63 0.18
N ARG G 54 17.11 -15.74 -0.41
CA ARG G 54 15.97 -16.26 0.36
C ARG G 54 15.98 -17.78 0.40
N LEU G 55 15.96 -18.33 1.61
CA LEU G 55 15.96 -19.79 1.75
C LEU G 55 14.57 -20.35 1.51
N HIS G 56 14.52 -21.41 0.72
CA HIS G 56 13.27 -22.11 0.40
C HIS G 56 12.87 -22.93 1.63
N SER G 57 11.56 -23.15 1.81
CA SER G 57 11.06 -23.93 2.96
C SER G 57 11.79 -25.26 3.11
N GLY G 58 12.20 -25.58 4.34
CA GLY G 58 12.87 -26.84 4.60
C GLY G 58 14.37 -26.89 4.39
N VAL G 59 14.95 -25.80 3.89
CA VAL G 59 16.37 -25.76 3.63
C VAL G 59 17.10 -25.33 4.91
N PRO G 60 18.19 -26.04 5.25
CA PRO G 60 18.93 -25.69 6.47
C PRO G 60 19.76 -24.40 6.34
N SER G 61 19.96 -23.73 7.47
CA SER G 61 20.70 -22.49 7.53
C SER G 61 22.15 -22.60 7.08
N LYS G 62 22.63 -23.83 6.87
CA LYS G 62 24.00 -23.99 6.42
C LYS G 62 24.17 -23.40 5.03
N PHE G 63 23.06 -23.21 4.32
CA PHE G 63 23.07 -22.65 2.97
C PHE G 63 22.75 -21.14 3.01
N SER G 64 23.54 -20.35 2.30
CA SER G 64 23.33 -18.91 2.23
C SER G 64 23.78 -18.41 0.86
N GLY G 65 23.19 -17.32 0.40
CA GLY G 65 23.57 -16.83 -0.91
C GLY G 65 23.73 -15.34 -0.91
N SER G 66 24.53 -14.83 -1.85
CA SER G 66 24.78 -13.40 -1.95
C SER G 66 25.07 -13.05 -3.40
N GLY G 67 25.30 -11.77 -3.65
CA GLY G 67 25.58 -11.34 -5.01
C GLY G 67 24.72 -10.19 -5.45
N SER G 68 25.10 -9.61 -6.58
CA SER G 68 24.39 -8.49 -7.14
C SER G 68 24.89 -8.29 -8.56
N GLY G 69 24.08 -7.62 -9.38
CA GLY G 69 24.46 -7.39 -10.77
C GLY G 69 24.62 -8.67 -11.56
N THR G 70 25.86 -8.98 -11.93
CA THR G 70 26.17 -10.17 -12.72
C THR G 70 26.93 -11.25 -11.95
N ASP G 71 27.26 -10.99 -10.70
CA ASP G 71 28.02 -11.95 -9.91
C ASP G 71 27.33 -12.40 -8.62
N TYR G 72 27.21 -13.72 -8.45
CA TYR G 72 26.51 -14.27 -7.30
C TYR G 72 27.25 -15.46 -6.70
N SER G 73 26.94 -15.77 -5.45
CA SER G 73 27.61 -16.86 -4.77
C SER G 73 26.76 -17.64 -3.76
N LEU G 74 27.02 -18.95 -3.70
CA LEU G 74 26.33 -19.83 -2.76
C LEU G 74 27.42 -20.29 -1.81
N THR G 75 27.13 -20.18 -0.52
CA THR G 75 28.07 -20.58 0.52
C THR G 75 27.46 -21.70 1.34
N ILE G 76 28.20 -22.79 1.47
CA ILE G 76 27.72 -23.92 2.27
C ILE G 76 28.71 -24.13 3.42
N SER G 77 28.21 -24.06 4.64
CA SER G 77 29.06 -24.25 5.80
C SER G 77 28.77 -25.59 6.47
N ASN G 78 29.60 -25.94 7.44
CA ASN G 78 29.46 -27.18 8.19
C ASN G 78 29.12 -28.37 7.30
N LEU G 79 29.86 -28.53 6.21
CA LEU G 79 29.61 -29.61 5.27
C LEU G 79 29.38 -30.97 5.93
N GLU G 80 28.47 -31.73 5.34
CA GLU G 80 28.12 -33.06 5.80
C GLU G 80 28.09 -33.97 4.58
N GLN G 81 28.10 -35.28 4.81
CA GLN G 81 28.10 -36.25 3.72
C GLN G 81 26.88 -36.04 2.82
N GLU G 82 25.78 -35.60 3.42
CA GLU G 82 24.54 -35.35 2.68
C GLU G 82 24.62 -34.19 1.70
N ASP G 83 25.64 -33.35 1.84
CA ASP G 83 25.81 -32.20 0.94
C ASP G 83 26.52 -32.54 -0.36
N ILE G 84 27.03 -33.76 -0.50
CA ILE G 84 27.69 -34.13 -1.73
C ILE G 84 26.64 -34.09 -2.83
N ALA G 85 26.89 -33.28 -3.85
CA ALA G 85 25.95 -33.12 -4.94
C ALA G 85 26.49 -32.12 -5.95
N THR G 86 25.69 -31.82 -6.97
CA THR G 86 26.07 -30.85 -7.98
C THR G 86 25.16 -29.64 -7.76
N TYR G 87 25.77 -28.47 -7.67
CA TYR G 87 25.01 -27.22 -7.44
C TYR G 87 24.92 -26.37 -8.71
N PHE G 88 23.69 -25.96 -9.04
CA PHE G 88 23.39 -25.17 -10.25
C PHE G 88 22.74 -23.83 -9.94
N CYS G 89 23.12 -22.78 -10.66
CA CYS G 89 22.47 -21.48 -10.47
C CYS G 89 21.57 -21.29 -11.68
N GLN G 90 20.57 -20.43 -11.54
CA GLN G 90 19.62 -20.18 -12.60
C GLN G 90 19.13 -18.73 -12.52
N GLN G 91 19.05 -18.05 -13.66
CA GLN G 91 18.53 -16.69 -13.64
C GLN G 91 17.04 -16.69 -13.96
N GLY G 92 16.30 -15.91 -13.18
CA GLY G 92 14.85 -15.80 -13.39
C GLY G 92 14.46 -14.35 -13.66
N ASN G 93 15.35 -13.63 -14.34
CA ASN G 93 15.12 -12.22 -14.68
C ASN G 93 14.37 -12.01 -15.99
N THR G 94 14.83 -12.66 -17.06
CA THR G 94 14.17 -12.52 -18.35
C THR G 94 14.12 -13.83 -19.10
N LEU G 95 13.02 -14.07 -19.80
CA LEU G 95 12.87 -15.29 -20.59
C LEU G 95 13.82 -15.25 -21.77
N PRO G 96 14.34 -16.41 -22.18
CA PRO G 96 14.08 -17.72 -21.56
C PRO G 96 14.90 -17.89 -20.29
N TRP G 97 14.34 -18.55 -19.28
CA TRP G 97 15.09 -18.78 -18.04
C TRP G 97 16.31 -19.58 -18.49
N THR G 98 17.45 -19.34 -17.85
CA THR G 98 18.68 -20.04 -18.22
C THR G 98 19.45 -20.47 -16.99
N PHE G 99 20.16 -21.59 -17.13
CA PHE G 99 20.96 -22.19 -16.07
C PHE G 99 22.46 -22.22 -16.42
N ALA G 100 23.31 -22.32 -15.41
CA ALA G 100 24.74 -22.43 -15.64
C ALA G 100 25.04 -23.94 -15.66
N GLY G 101 26.30 -24.31 -15.88
CA GLY G 101 26.66 -25.72 -16.00
C GLY G 101 26.76 -26.58 -14.75
N GLY G 102 26.76 -25.96 -13.57
CA GLY G 102 26.85 -26.72 -12.34
C GLY G 102 28.26 -26.86 -11.78
N THR G 103 28.32 -27.14 -10.48
CA THR G 103 29.59 -27.33 -9.77
C THR G 103 29.45 -28.55 -8.89
N LYS G 104 30.25 -29.57 -9.16
CA LYS G 104 30.22 -30.79 -8.38
C LYS G 104 31.02 -30.63 -7.10
N LEU G 105 30.41 -30.98 -5.97
CA LEU G 105 31.04 -30.90 -4.67
C LEU G 105 31.27 -32.29 -4.09
N GLU G 106 32.48 -32.55 -3.63
CA GLU G 106 32.80 -33.84 -3.04
C GLU G 106 33.35 -33.65 -1.63
N ILE G 107 32.98 -34.57 -0.72
CA ILE G 107 33.42 -34.48 0.67
C ILE G 107 34.01 -35.80 1.17
N GLU H 1 2.55 -36.61 0.11
CA GLU H 1 2.96 -35.18 0.08
C GLU H 1 3.02 -34.65 -1.36
N VAL H 2 3.72 -33.53 -1.54
CA VAL H 2 3.84 -32.88 -2.84
C VAL H 2 4.87 -33.57 -3.74
N GLN H 3 4.41 -34.15 -4.84
CA GLN H 3 5.31 -34.85 -5.73
C GLN H 3 4.95 -34.76 -7.20
N LEU H 4 5.97 -34.90 -8.03
CA LEU H 4 5.85 -34.92 -9.49
C LEU H 4 6.45 -36.27 -9.90
N GLN H 5 5.62 -37.17 -10.40
CA GLN H 5 6.07 -38.50 -10.81
C GLN H 5 6.15 -38.60 -12.32
N GLN H 6 7.35 -38.79 -12.86
CA GLN H 6 7.53 -38.88 -14.30
C GLN H 6 7.52 -40.30 -14.85
N SER H 7 7.26 -40.42 -16.15
CA SER H 7 7.23 -41.72 -16.81
C SER H 7 8.65 -42.29 -16.93
N GLY H 8 8.74 -43.57 -17.25
CA GLY H 8 10.03 -44.24 -17.34
C GLY H 8 10.95 -43.90 -18.50
N PRO H 9 12.18 -44.43 -18.50
CA PRO H 9 13.15 -44.17 -19.57
C PRO H 9 12.63 -44.66 -20.92
N GLU H 10 13.07 -44.02 -21.99
CA GLU H 10 12.63 -44.37 -23.35
C GLU H 10 13.84 -44.49 -24.28
N LEU H 11 13.76 -45.42 -25.21
CA LEU H 11 14.78 -45.63 -26.22
C LEU H 11 14.04 -45.47 -27.54
N VAL H 12 14.56 -44.64 -28.44
CA VAL H 12 13.90 -44.41 -29.73
C VAL H 12 14.88 -44.15 -30.88
N LYS H 13 14.44 -44.47 -32.09
CA LYS H 13 15.25 -44.25 -33.28
C LYS H 13 14.98 -42.83 -33.78
N PRO H 14 15.96 -42.22 -34.46
CA PRO H 14 15.81 -40.87 -34.99
C PRO H 14 14.56 -40.73 -35.85
N GLY H 15 14.01 -39.52 -35.89
CA GLY H 15 12.82 -39.27 -36.68
C GLY H 15 11.50 -39.53 -36.00
N ALA H 16 11.53 -40.26 -34.90
CA ALA H 16 10.29 -40.55 -34.20
C ALA H 16 9.94 -39.44 -33.22
N SER H 17 8.77 -39.56 -32.60
CA SER H 17 8.29 -38.62 -31.60
C SER H 17 8.06 -39.43 -30.32
N MET H 18 8.04 -38.76 -29.18
CA MET H 18 7.84 -39.44 -27.91
C MET H 18 7.13 -38.48 -26.96
N LYS H 19 6.34 -39.02 -26.03
CA LYS H 19 5.62 -38.20 -25.07
C LYS H 19 5.97 -38.62 -23.65
N ILE H 20 6.47 -37.66 -22.86
CA ILE H 20 6.83 -37.90 -21.46
C ILE H 20 5.71 -37.38 -20.56
N SER H 21 5.43 -38.09 -19.47
CA SER H 21 4.38 -37.64 -18.59
C SER H 21 4.94 -37.25 -17.23
N CYS H 22 4.16 -36.44 -16.52
CA CYS H 22 4.51 -35.91 -15.21
C CYS H 22 3.24 -35.77 -14.37
N LYS H 23 3.00 -36.76 -13.50
CA LYS H 23 1.82 -36.76 -12.65
C LYS H 23 2.02 -36.02 -11.34
N ALA H 24 1.16 -35.03 -11.10
CA ALA H 24 1.25 -34.22 -9.89
C ALA H 24 0.34 -34.74 -8.77
N SER H 25 0.87 -34.80 -7.56
CA SER H 25 0.08 -35.23 -6.41
C SER H 25 0.39 -34.38 -5.19
N GLY H 26 -0.55 -34.33 -4.25
CA GLY H 26 -0.35 -33.56 -3.04
C GLY H 26 -0.66 -32.07 -3.07
N TYR H 27 -1.07 -31.55 -4.22
CA TYR H 27 -1.37 -30.12 -4.34
C TYR H 27 -2.34 -29.84 -5.49
N SER H 28 -2.92 -28.65 -5.50
CA SER H 28 -3.87 -28.26 -6.55
C SER H 28 -3.15 -28.04 -7.86
N PHE H 29 -3.31 -28.99 -8.78
CA PHE H 29 -2.65 -28.94 -10.07
C PHE H 29 -2.79 -27.64 -10.89
N THR H 30 -3.97 -27.01 -10.85
CA THR H 30 -4.22 -25.78 -11.60
C THR H 30 -3.78 -24.51 -10.88
N GLY H 31 -3.18 -24.67 -9.70
CA GLY H 31 -2.74 -23.52 -8.95
C GLY H 31 -1.26 -23.19 -9.09
N TYR H 32 -0.56 -23.89 -9.99
CA TYR H 32 0.89 -23.69 -10.20
C TYR H 32 1.26 -23.83 -11.66
N THR H 33 2.38 -23.24 -12.05
CA THR H 33 2.85 -23.34 -13.43
C THR H 33 3.70 -24.62 -13.55
N MET H 34 3.69 -25.23 -14.72
CA MET H 34 4.53 -26.41 -14.92
C MET H 34 5.61 -26.08 -15.94
N ASN H 35 6.83 -26.50 -15.62
CA ASN H 35 7.98 -26.22 -16.46
C ASN H 35 8.69 -27.49 -16.87
N TRP H 36 9.42 -27.41 -17.99
CA TRP H 36 10.20 -28.55 -18.49
C TRP H 36 11.63 -28.12 -18.70
N VAL H 37 12.54 -28.95 -18.23
CA VAL H 37 13.98 -28.73 -18.27
C VAL H 37 14.72 -29.92 -18.89
N LYS H 38 15.71 -29.63 -19.73
CA LYS H 38 16.52 -30.65 -20.40
C LYS H 38 17.92 -30.67 -19.83
N GLN H 39 18.42 -31.86 -19.49
CA GLN H 39 19.77 -32.00 -18.97
C GLN H 39 20.54 -32.96 -19.86
N SER H 40 21.51 -32.45 -20.59
CA SER H 40 22.27 -33.31 -21.48
C SER H 40 23.75 -33.28 -21.18
N HIS H 41 24.45 -34.34 -21.61
CA HIS H 41 25.90 -34.42 -21.41
C HIS H 41 26.52 -33.19 -22.07
N GLY H 42 27.46 -32.59 -21.36
CA GLY H 42 28.09 -31.37 -21.84
C GLY H 42 27.61 -30.36 -20.82
N LYS H 43 26.74 -30.86 -19.94
CA LYS H 43 26.14 -30.09 -18.85
C LYS H 43 25.42 -28.81 -19.28
N ASN H 44 24.88 -28.12 -18.28
CA ASN H 44 24.16 -26.86 -18.48
C ASN H 44 22.67 -27.09 -18.82
N LEU H 45 21.88 -27.29 -17.77
CA LEU H 45 20.44 -27.49 -17.89
C LEU H 45 19.87 -26.40 -18.80
N GLU H 46 18.75 -26.70 -19.46
CA GLU H 46 18.09 -25.74 -20.33
C GLU H 46 16.60 -25.76 -20.04
N TRP H 47 16.02 -24.57 -19.86
CA TRP H 47 14.57 -24.47 -19.63
C TRP H 47 13.95 -24.50 -21.03
N MET H 48 13.01 -25.40 -21.24
CA MET H 48 12.40 -25.58 -22.54
C MET H 48 11.10 -24.81 -22.74
N GLY H 49 10.32 -24.69 -21.67
CA GLY H 49 9.05 -23.98 -21.76
C GLY H 49 8.19 -24.20 -20.53
N LEU H 50 7.05 -23.51 -20.51
CA LEU H 50 6.15 -23.64 -19.40
C LEU H 50 4.74 -23.70 -19.95
N ILE H 51 3.84 -24.23 -19.13
CA ILE H 51 2.44 -24.27 -19.52
C ILE H 51 1.64 -23.91 -18.28
N ASN H 52 0.56 -23.16 -18.50
CA ASN H 52 -0.34 -22.76 -17.44
C ASN H 52 -1.36 -23.91 -17.48
N PRO H 53 -1.39 -24.77 -16.45
CA PRO H 53 -2.33 -25.90 -16.45
C PRO H 53 -3.80 -25.51 -16.42
N TYR H 54 -4.11 -24.38 -15.81
CA TYR H 54 -5.49 -23.92 -15.72
C TYR H 54 -6.05 -23.47 -17.07
N LYS H 55 -5.26 -22.72 -17.84
CA LYS H 55 -5.69 -22.20 -19.13
C LYS H 55 -5.21 -23.03 -20.33
N GLY H 56 -4.24 -23.92 -20.12
CA GLY H 56 -3.73 -24.71 -21.21
C GLY H 56 -2.91 -23.90 -22.20
N VAL H 57 -2.39 -22.76 -21.75
CA VAL H 57 -1.60 -21.87 -22.57
C VAL H 57 -0.11 -22.08 -22.29
N SER H 58 0.69 -22.26 -23.35
CA SER H 58 2.13 -22.48 -23.22
C SER H 58 3.02 -21.35 -23.70
N THR H 59 4.20 -21.24 -23.09
CA THR H 59 5.22 -20.24 -23.46
C THR H 59 6.52 -21.02 -23.61
N TYR H 60 7.11 -20.97 -24.80
CA TYR H 60 8.32 -21.72 -25.09
C TYR H 60 9.62 -20.96 -25.21
N ASN H 61 10.71 -21.68 -24.96
CA ASN H 61 12.05 -21.15 -25.15
C ASN H 61 12.11 -21.26 -26.69
N GLN H 62 12.48 -20.19 -27.39
CA GLN H 62 12.52 -20.21 -28.85
C GLN H 62 13.30 -21.41 -29.38
N LYS H 63 14.41 -21.74 -28.72
CA LYS H 63 15.25 -22.85 -29.11
C LYS H 63 14.52 -24.20 -29.19
N PHE H 64 13.46 -24.36 -28.41
CA PHE H 64 12.70 -25.61 -28.39
C PHE H 64 11.30 -25.52 -29.02
N LYS H 65 10.97 -24.37 -29.61
CA LYS H 65 9.66 -24.18 -30.21
C LYS H 65 9.27 -25.23 -31.25
N ASP H 66 10.21 -25.58 -32.11
CA ASP H 66 9.92 -26.57 -33.15
C ASP H 66 10.07 -28.02 -32.67
N LYS H 67 10.54 -28.18 -31.44
CA LYS H 67 10.80 -29.50 -30.87
C LYS H 67 9.79 -30.04 -29.86
N ALA H 68 9.16 -29.16 -29.09
CA ALA H 68 8.24 -29.61 -28.05
C ALA H 68 6.85 -29.04 -28.11
N THR H 69 5.91 -29.83 -27.57
CA THR H 69 4.52 -29.46 -27.47
C THR H 69 4.05 -29.82 -26.06
N LEU H 70 3.68 -28.79 -25.27
CA LEU H 70 3.23 -29.01 -23.91
C LEU H 70 1.71 -29.08 -23.84
N THR H 71 1.21 -30.03 -23.06
CA THR H 71 -0.21 -30.18 -22.86
C THR H 71 -0.38 -30.66 -21.45
N VAL H 72 -1.63 -30.68 -20.99
CA VAL H 72 -1.97 -31.19 -19.67
C VAL H 72 -3.38 -31.78 -19.72
N ASP H 73 -3.65 -32.66 -18.77
CA ASP H 73 -4.97 -33.27 -18.62
C ASP H 73 -5.40 -32.92 -17.20
N LYS H 74 -6.22 -31.89 -17.04
CA LYS H 74 -6.68 -31.51 -15.71
C LYS H 74 -7.39 -32.70 -15.07
N SER H 75 -8.01 -33.54 -15.89
CA SER H 75 -8.73 -34.70 -15.38
C SER H 75 -7.88 -35.59 -14.47
N SER H 76 -6.61 -35.77 -14.84
CA SER H 76 -5.71 -36.64 -14.05
C SER H 76 -4.55 -35.88 -13.41
N SER H 77 -4.59 -34.55 -13.49
CA SER H 77 -3.51 -33.74 -12.93
C SER H 77 -2.18 -34.20 -13.51
N THR H 78 -2.13 -34.33 -14.83
CA THR H 78 -0.91 -34.76 -15.50
C THR H 78 -0.49 -33.79 -16.59
N ALA H 79 0.80 -33.53 -16.64
CA ALA H 79 1.40 -32.64 -17.62
C ALA H 79 2.18 -33.50 -18.59
N TYR H 80 2.18 -33.11 -19.86
CA TYR H 80 2.90 -33.86 -20.88
C TYR H 80 3.79 -33.03 -21.75
N MET H 81 4.85 -33.66 -22.24
CA MET H 81 5.71 -32.99 -23.19
C MET H 81 5.95 -33.97 -24.33
N GLU H 82 5.54 -33.59 -25.52
CA GLU H 82 5.78 -34.43 -26.68
C GLU H 82 6.96 -33.84 -27.43
N LEU H 83 7.97 -34.67 -27.70
CA LEU H 83 9.16 -34.22 -28.42
C LEU H 83 9.05 -34.77 -29.84
N LEU H 84 9.18 -33.87 -30.81
CA LEU H 84 9.02 -34.25 -32.21
C LEU H 84 10.30 -34.44 -33.02
N SER H 85 10.18 -35.25 -34.09
CA SER H 85 11.28 -35.53 -34.99
C SER H 85 12.62 -35.60 -34.25
N LEU H 86 12.73 -36.62 -33.41
CA LEU H 86 13.92 -36.84 -32.60
C LEU H 86 15.21 -37.13 -33.33
N THR H 87 16.30 -36.60 -32.78
CA THR H 87 17.65 -36.80 -33.30
C THR H 87 18.49 -37.12 -32.07
N SER H 88 19.74 -37.57 -32.27
CA SER H 88 20.59 -37.90 -31.12
C SER H 88 20.85 -36.71 -30.20
N GLU H 89 20.65 -35.49 -30.72
CA GLU H 89 20.86 -34.30 -29.91
C GLU H 89 19.78 -34.17 -28.85
N ASP H 90 18.71 -34.95 -29.01
CA ASP H 90 17.61 -34.90 -28.06
C ASP H 90 17.83 -35.87 -26.90
N SER H 91 18.86 -36.71 -26.98
CA SER H 91 19.17 -37.65 -25.93
C SER H 91 19.51 -36.82 -24.68
N ALA H 92 18.78 -37.04 -23.59
CA ALA H 92 19.01 -36.27 -22.38
C ALA H 92 18.10 -36.78 -21.27
N VAL H 93 18.18 -36.15 -20.11
CA VAL H 93 17.28 -36.49 -19.00
C VAL H 93 16.33 -35.29 -18.99
N TYR H 94 15.02 -35.53 -19.03
CA TYR H 94 14.05 -34.42 -19.01
C TYR H 94 13.36 -34.35 -17.66
N TYR H 95 13.17 -33.14 -17.15
CA TYR H 95 12.54 -32.92 -15.86
C TYR H 95 11.33 -32.00 -15.96
N CYS H 96 10.26 -32.31 -15.24
CA CYS H 96 9.15 -31.36 -15.18
C CYS H 96 9.40 -30.75 -13.80
N ALA H 97 9.10 -29.47 -13.65
CA ALA H 97 9.31 -28.78 -12.38
C ALA H 97 8.22 -27.76 -12.19
N ARG H 98 7.71 -27.67 -10.98
CA ARG H 98 6.63 -26.76 -10.68
C ARG H 98 7.16 -25.36 -10.34
N SER H 99 6.39 -24.33 -10.65
CA SER H 99 6.74 -22.97 -10.23
C SER H 99 5.41 -22.25 -9.94
N GLY H 100 5.48 -21.08 -9.32
CA GLY H 100 4.26 -20.38 -8.99
C GLY H 100 3.38 -20.07 -10.19
N TYR H 101 2.08 -19.92 -9.94
CA TYR H 101 1.15 -19.58 -11.01
C TYR H 101 1.41 -18.17 -11.55
N TYR H 102 1.65 -17.22 -10.65
CA TYR H 102 1.83 -15.83 -11.04
C TYR H 102 3.27 -15.38 -11.11
N GLY H 103 3.48 -14.18 -11.65
CA GLY H 103 4.81 -13.62 -11.81
C GLY H 103 5.61 -13.40 -10.55
N ASP H 104 4.96 -13.45 -9.39
CA ASP H 104 5.70 -13.27 -8.15
C ASP H 104 6.52 -14.51 -7.79
N SER H 105 6.19 -15.66 -8.37
CA SER H 105 6.96 -16.85 -8.06
C SER H 105 7.07 -17.88 -9.19
N ASP H 106 6.69 -17.52 -10.40
CA ASP H 106 6.78 -18.49 -11.50
C ASP H 106 8.22 -18.67 -12.02
N TRP H 107 9.13 -17.80 -11.57
CA TRP H 107 10.51 -17.82 -12.02
C TRP H 107 11.52 -18.65 -11.20
N TYR H 108 11.06 -19.40 -10.20
CA TYR H 108 11.98 -20.30 -9.48
C TYR H 108 11.18 -21.59 -9.38
N PHE H 109 11.86 -22.74 -9.44
CA PHE H 109 11.20 -24.04 -9.46
C PHE H 109 11.28 -24.76 -8.12
N ASP H 110 10.14 -24.81 -7.43
CA ASP H 110 10.11 -25.37 -6.10
C ASP H 110 9.95 -26.88 -5.92
N VAL H 111 9.48 -27.58 -6.94
CA VAL H 111 9.34 -29.03 -6.82
C VAL H 111 9.72 -29.62 -8.15
N TRP H 112 10.56 -30.65 -8.14
CA TRP H 112 10.99 -31.29 -9.36
C TRP H 112 10.61 -32.76 -9.43
N GLY H 113 10.32 -33.23 -10.64
CA GLY H 113 10.04 -34.64 -10.86
C GLY H 113 11.39 -35.35 -10.81
N GLN H 114 11.42 -36.69 -10.83
CA GLN H 114 12.69 -37.40 -10.72
C GLN H 114 13.52 -37.45 -11.98
N GLY H 115 12.94 -37.02 -13.10
CA GLY H 115 13.67 -37.06 -14.35
C GLY H 115 13.30 -38.27 -15.17
N THR H 116 13.36 -38.13 -16.49
CA THR H 116 13.06 -39.22 -17.43
C THR H 116 14.19 -39.23 -18.45
N THR H 117 14.91 -40.34 -18.57
CA THR H 117 15.99 -40.42 -19.54
C THR H 117 15.49 -40.88 -20.91
N LEU H 118 15.84 -40.13 -21.95
CA LEU H 118 15.48 -40.45 -23.33
C LEU H 118 16.78 -40.65 -24.12
N THR H 119 16.89 -41.78 -24.80
CA THR H 119 18.06 -42.07 -25.60
C THR H 119 17.62 -42.28 -27.05
N VAL H 120 18.18 -41.50 -27.96
CA VAL H 120 17.86 -41.57 -29.38
C VAL H 120 19.10 -42.02 -30.15
N PHE H 121 19.02 -43.18 -30.76
CA PHE H 121 20.16 -43.71 -31.51
C PHE H 121 19.76 -44.75 -32.55
N SER H 122 20.69 -45.03 -33.46
CA SER H 122 20.51 -46.00 -34.54
C SER H 122 21.41 -47.22 -34.33
#